data_8D8Q
#
_entry.id   8D8Q
#
loop_
_entity.id
_entity.type
_entity.pdbx_description
1 polymer '2130 heavy chain'
2 polymer '2130 light chain'
3 polymer 'Spike glycoprotein'
4 polymer '2196 light chain'
5 polymer '2196 heavy chain'
6 non-polymer 2-acetamido-2-deoxy-beta-D-glucopyranose
#
loop_
_entity_poly.entity_id
_entity_poly.type
_entity_poly.pdbx_seq_one_letter_code
_entity_poly.pdbx_strand_id
1 'polypeptide(L)'
;EVQLVESGGGLVKPGGSLRLSCAASGFTFRDVWMSWVRQAPGKGLEWVGRIKSKIDGGTTDYAAPVKGRFTISRDDSKNT
LYLQMNSLKTEDTAVYYCTTAGSYYYDTVGPGLPEGKFDYWGQGTLVTVSSASTKGPSVFPLAPSSKSTSGGTAALGCLV
KDYFPEPVTVSWNSGALTSGVHTFPAVLQSSGLYSLSSVVTVPSSSLGTQTYICNVNHKPSNTKVDKRVEPKSC
;
H
2 'polypeptide(L)'
;DIVMTQSPDSLAVSLGERATINCKSSQSVLYSSNNKNYLAWYQQKPGQPPKLLMYWASTRESGVPDRFSGSGSGAEFTLT
ISSLQAEDVAIYYCQQYYSTLTFGGGTKVEIKRTVAAPSVFIFPPSDEQLKSGTASVVCLLNNFYPREAKVQWKVDNALQ
SGNSQESVTEQDSKDSTYSLSSTLTLSKADYEKHKVYACEVTHQGLSSPVTKSFNRGEC
;
L
3 'polypeptide(L)'
;VNLTTRTQLPPAYTNSFTRGVYYPDKVFRSSVLHSTQDLFLPFFSNVTWFHAIHVSGTNGTKRFDNPVLPFNDGVYFAST
EKSNIIRGWIFGTTLDSKTQSLLIVNNATNVVIKVCEFQFCNDPFLGVYYHKNNKSWMESEFRVYSSANNCTFEYVSQPF
LMDLEGKQGNFKNLREFVFKNIDGYFKIYSKHTPINLVRDLPQGFSALEPLVDLPIGINITRFQTLLALHRSYLTPGDSS
SGWTAGAAAYYVGYLQPRTFLLKYNENGTITDAVDCALDPLSETKCTLKSFTVEKGIYQTSNFRVQPTESIVRFPNITNL
CPFGEVFNATRFASVYAWNRKRISNCVADYSVLYNSASFSTFKCYGVSPTKLNDLCFTNVYADSFVIRGDEVRQIAPGQT
GKIADYNYKLPDDFTGCVIAWNSNNLDSKVGGNYNYLYRLFRKSNLKPFERDISTEIYQAGSTPCNGVEGFNCYFPLQSY
GFQPTNGVGYQPYRVVVLSFELLHAPATVCGPKKSTNLVKNKCVNFNFNGLTGTGVLTESNKKFLPFQQFGRDIADTTDA
VRDPQTLEILDITPCSFGGVSVITPGTNTSNQVAVLYQDVNCTEVPVAIHADQLTPTWRVYSTGSNVFQTRAGCLIGAEH
VNNSYECDIPIGAGICASYQTQTNSPRRARSVASQSIIAYTMSLGAENSVAYSNNSIAIPTNFTISVTTEILPVSMTKTS
VDCTMYICGDSTECSNLLLQYGSFCTQLNRALTGIAVEQDKNTQEVFAQVKQIYKTPPIKDFGGFNFSQILPDPSKPSKR
SFIEDLLFNKVTLADAGFIKQYGDCLGDIAARDLICAQKFNGLTVLPPLLTDEMIAQYTSALLAGTITSGWTFGAGAALQ
IPFAMQMAYRFNGIGVTQNVLYENQKLIANQFNSAIGKIQDSLSSTASALGKLQDVVNQNAQALNTLVKQLSSNFGAISS
VLNDILSRLDKVEAEVQIDRLITGRLQSLQTYVTQQLIRAAEIRASANLAATKMSECVLGQSKRVDFCGKGYHLMSFPQS
APHGVVFLHVTYVPAQEKNFTTAPAICHDGKAHFPREGVFVSNGTHWFVTQRNFYEPQIITTDNTFVSGNCDVVIGIVNN
TVYDPLQPELDSFKEELDKYFKNHTSPDVDLGDISGINASGYIPEAPRDGQAYVRKDGEWVLLSTFL
;
A
4 'polypeptide(L)'
;EIVLTQSPGTLSLSPGERATLSCRASQSVSSSYLAWYQQKPGQAPRLLIYGASSRATGIPDRFSGSGSGTDFTLTISRLE
PEDFAVYYCQHYGSSRGWTFGQGTKVEIKRTVAAPSVFIFPPSDEQLKSGTASVVCLLNNFYPREAKVQWKVDNALQSGN
SQESVTEQDSKDSTYSLSSTLTLSKADYEKHKVYACEVTHQGLSSPVTKSFNRGEC
;
B
5 'polypeptide(L)'
;QMQLVQSGPEVKKPGTSVKVSCKASGFTFMSSAVQWVRQARGQRLEWIGWIVIGSGNTNYAQKFQERVTITRDMSTSTAY
MELSSLRSEDTAVYYCAAPYCSSISCNDGFDIWGQGTMVTVSSASTKGPSVFPLAPSSKSTSGGTAALGCLVKDYFPEPV
TVSWNSGALTSGVHTFPAVLQSSGLYSLSSVVTVPSSSLGTQTYICNVNHKPSNTKVDKRVEPKSC
;
C
#
# COMPACT_ATOMS: atom_id res chain seq x y z
N GLU A 1 24.15 13.64 19.99
CA GLU A 1 22.93 13.78 19.21
C GLU A 1 23.23 14.22 17.77
N VAL A 2 22.25 14.07 16.90
CA VAL A 2 22.41 14.48 15.51
C VAL A 2 22.21 15.98 15.35
N GLN A 3 23.19 16.64 14.76
CA GLN A 3 23.12 18.08 14.53
C GLN A 3 23.76 18.48 13.21
N LEU A 4 23.01 19.22 12.40
CA LEU A 4 23.52 19.79 11.16
C LEU A 4 23.93 21.24 11.39
N VAL A 5 24.95 21.71 10.66
CA VAL A 5 25.36 23.10 10.78
C VAL A 5 25.29 23.82 9.44
N GLU A 6 24.57 24.94 9.43
CA GLU A 6 24.33 25.69 8.19
C GLU A 6 25.10 27.02 8.17
N SER A 7 25.53 27.42 6.98
CA SER A 7 26.28 28.66 6.82
C SER A 7 26.18 29.22 5.39
N GLY A 8 26.75 30.41 5.19
CA GLY A 8 26.82 31.03 3.87
C GLY A 8 25.67 31.99 3.53
N GLY A 9 24.80 32.27 4.50
CA GLY A 9 23.68 33.18 4.23
C GLY A 9 24.15 34.64 4.27
N GLY A 10 23.20 35.57 4.14
CA GLY A 10 23.53 37.00 4.11
C GLY A 10 22.87 37.74 2.94
N LEU A 11 23.09 39.05 2.90
CA LEU A 11 22.52 39.91 1.86
C LEU A 11 23.24 39.77 0.52
N VAL A 12 22.46 39.60 -0.54
CA VAL A 12 22.98 39.48 -1.90
C VAL A 12 22.29 40.47 -2.84
N LYS A 13 23.06 41.15 -3.68
CA LYS A 13 22.45 42.05 -4.65
C LYS A 13 21.74 41.24 -5.75
N PRO A 14 20.58 41.70 -6.25
CA PRO A 14 19.83 41.06 -7.32
C PRO A 14 20.71 40.84 -8.53
N GLY A 15 20.57 39.67 -9.16
CA GLY A 15 21.35 39.31 -10.33
C GLY A 15 22.71 38.73 -9.93
N GLY A 16 22.97 38.66 -8.63
CA GLY A 16 24.24 38.15 -8.11
C GLY A 16 24.19 36.63 -7.94
N SER A 17 25.19 36.10 -7.23
CA SER A 17 25.28 34.67 -7.00
C SER A 17 25.71 34.37 -5.56
N LEU A 18 25.29 33.22 -5.05
CA LEU A 18 25.61 32.84 -3.67
C LEU A 18 25.85 31.34 -3.51
N ARG A 19 26.85 31.00 -2.72
CA ARG A 19 27.09 29.61 -2.34
C ARG A 19 26.66 29.32 -0.90
N LEU A 20 25.76 28.36 -0.72
CA LEU A 20 25.31 27.91 0.60
C LEU A 20 25.89 26.54 0.93
N SER A 21 26.08 26.26 2.21
CA SER A 21 26.54 24.92 2.57
C SER A 21 26.01 24.44 3.92
N CYS A 22 25.93 23.11 4.07
CA CYS A 22 25.53 22.49 5.33
C CYS A 22 26.43 21.32 5.69
N ALA A 23 26.97 21.34 6.91
CA ALA A 23 27.80 20.24 7.39
C ALA A 23 26.95 19.05 7.80
N ALA A 24 27.41 17.85 7.48
CA ALA A 24 26.79 16.61 7.94
C ALA A 24 27.01 16.35 9.41
N SER A 25 26.08 15.60 9.99
CA SER A 25 26.18 15.11 11.36
C SER A 25 26.73 13.69 11.39
N GLY A 26 26.66 13.06 12.56
CA GLY A 26 27.21 11.73 12.78
C GLY A 26 26.56 10.61 11.95
N PHE A 27 25.32 10.80 11.50
CA PHE A 27 24.67 9.76 10.67
C PHE A 27 25.38 9.70 9.33
N THR A 28 25.41 8.52 8.71
CA THR A 28 26.13 8.43 7.44
C THR A 28 25.51 9.34 6.38
N PHE A 29 26.30 10.29 5.93
CA PHE A 29 25.88 11.27 4.95
C PHE A 29 25.76 10.69 3.55
N ARG A 30 26.77 9.92 3.17
CA ARG A 30 26.96 9.47 1.80
C ARG A 30 25.86 8.55 1.29
N ASP A 31 25.20 7.86 2.22
CA ASP A 31 24.16 6.91 1.88
C ASP A 31 22.76 7.49 1.98
N VAL A 32 22.66 8.79 2.26
CA VAL A 32 21.36 9.43 2.46
C VAL A 32 21.06 10.49 1.41
N TRP A 33 19.89 10.40 0.80
CA TRP A 33 19.49 11.42 -0.17
C TRP A 33 19.27 12.73 0.57
N MET A 34 19.73 13.82 0.00
CA MET A 34 19.58 15.11 0.67
C MET A 34 18.77 16.07 -0.16
N SER A 35 18.11 17.00 0.50
CA SER A 35 17.34 17.99 -0.23
C SER A 35 17.39 19.36 0.42
N TRP A 36 17.11 20.36 -0.40
CA TRP A 36 17.04 21.73 0.07
C TRP A 36 15.60 22.21 0.06
N VAL A 37 15.22 22.86 1.15
CA VAL A 37 13.89 23.42 1.33
C VAL A 37 14.01 24.87 1.75
N ARG A 38 13.17 25.73 1.21
CA ARG A 38 13.26 27.13 1.59
C ARG A 38 11.92 27.69 2.04
N GLN A 39 11.97 28.66 2.94
CA GLN A 39 10.75 29.28 3.41
C GLN A 39 10.89 30.79 3.52
N ALA A 40 10.16 31.52 2.68
CA ALA A 40 10.11 32.97 2.79
C ALA A 40 9.30 33.30 4.04
N PRO A 41 9.62 34.39 4.76
CA PRO A 41 8.84 34.86 5.88
C PRO A 41 7.40 35.07 5.46
N GLY A 42 6.47 34.58 6.27
CA GLY A 42 5.04 34.75 6.01
C GLY A 42 4.50 33.73 5.00
N LYS A 43 5.36 32.85 4.51
CA LYS A 43 4.99 31.89 3.48
C LYS A 43 5.17 30.45 3.94
N GLY A 44 4.54 29.52 3.23
CA GLY A 44 4.67 28.10 3.54
C GLY A 44 5.98 27.53 3.00
N LEU A 45 6.23 26.26 3.27
CA LEU A 45 7.45 25.60 2.86
C LEU A 45 7.47 25.36 1.36
N GLU A 46 8.63 25.54 0.74
CA GLU A 46 8.78 25.22 -0.67
C GLU A 46 10.03 24.37 -0.91
N TRP A 47 9.87 23.28 -1.63
CA TRP A 47 11.00 22.45 -2.00
C TRP A 47 11.85 23.11 -3.07
N VAL A 48 13.17 23.04 -2.92
CA VAL A 48 14.08 23.63 -3.90
C VAL A 48 14.70 22.60 -4.82
N GLY A 49 15.26 21.54 -4.25
CA GLY A 49 15.92 20.53 -5.06
C GLY A 49 16.44 19.36 -4.24
N ARG A 50 16.87 18.31 -4.93
CA ARG A 50 17.32 17.08 -4.28
C ARG A 50 18.52 16.45 -4.97
N ILE A 51 19.36 15.78 -4.17
CA ILE A 51 20.49 15.02 -4.69
C ILE A 51 20.49 13.59 -4.15
N LYS A 52 20.68 12.63 -5.04
CA LYS A 52 20.67 11.21 -4.69
C LYS A 52 21.99 10.73 -4.10
N SER A 53 21.92 9.65 -3.32
CA SER A 53 23.09 9.02 -2.70
C SER A 53 24.01 8.36 -3.72
N LYS A 54 25.25 8.09 -3.29
CA LYS A 54 26.30 7.61 -4.19
C LYS A 54 25.99 6.28 -4.87
N ILE A 55 25.16 5.46 -4.24
CA ILE A 55 24.78 4.17 -4.84
C ILE A 55 23.97 4.36 -6.11
N ASP A 56 23.28 5.49 -6.18
CA ASP A 56 22.44 5.82 -7.32
C ASP A 56 23.28 6.58 -8.33
N GLY A 57 22.64 7.12 -9.35
CA GLY A 57 23.35 7.87 -10.38
C GLY A 57 24.00 9.14 -9.82
N GLY A 58 23.54 9.59 -8.66
CA GLY A 58 24.09 10.80 -8.06
C GLY A 58 23.47 12.04 -8.69
N THR A 59 22.41 11.83 -9.46
CA THR A 59 21.77 12.89 -10.20
C THR A 59 20.96 13.79 -9.28
N THR A 60 20.57 14.93 -9.83
CA THR A 60 19.80 15.90 -9.08
C THR A 60 18.53 16.30 -9.81
N ASP A 61 17.61 16.90 -9.08
CA ASP A 61 16.41 17.47 -9.68
C ASP A 61 16.03 18.76 -8.95
N TYR A 62 15.23 19.59 -9.62
CA TYR A 62 14.90 20.90 -9.08
C TYR A 62 13.44 21.24 -9.26
N ALA A 63 12.89 22.03 -8.36
CA ALA A 63 11.53 22.53 -8.51
C ALA A 63 11.48 23.42 -9.74
N ALA A 64 10.36 23.42 -10.46
CA ALA A 64 10.34 24.16 -11.72
C ALA A 64 10.66 25.67 -11.60
N PRO A 65 10.19 26.41 -10.56
CA PRO A 65 10.45 27.84 -10.38
C PRO A 65 11.92 28.20 -10.22
N VAL A 66 12.75 27.22 -9.86
CA VAL A 66 14.16 27.47 -9.62
C VAL A 66 15.06 26.73 -10.59
N LYS A 67 14.47 25.95 -11.48
CA LYS A 67 15.28 25.10 -12.35
C LYS A 67 16.15 25.92 -13.29
N GLY A 68 17.41 25.51 -13.38
CA GLY A 68 18.38 26.14 -14.28
C GLY A 68 19.14 27.31 -13.65
N ARG A 69 18.72 27.74 -12.46
CA ARG A 69 19.42 28.82 -11.77
C ARG A 69 20.09 28.28 -10.52
N PHE A 70 19.73 27.06 -10.15
CA PHE A 70 20.21 26.39 -8.94
C PHE A 70 21.02 25.15 -9.28
N THR A 71 22.13 24.95 -8.56
CA THR A 71 22.91 23.73 -8.71
C THR A 71 23.22 23.09 -7.36
N ILE A 72 22.94 21.80 -7.24
CA ILE A 72 23.21 21.06 -6.00
C ILE A 72 24.33 20.04 -6.16
N SER A 73 25.27 20.06 -5.21
CA SER A 73 26.38 19.13 -5.22
C SER A 73 26.82 18.83 -3.80
N ARG A 74 27.61 17.78 -3.62
CA ARG A 74 28.12 17.44 -2.30
C ARG A 74 29.55 16.94 -2.37
N ASP A 75 30.30 17.19 -1.30
CA ASP A 75 31.67 16.69 -1.18
C ASP A 75 31.72 15.58 -0.16
N ASP A 76 31.80 14.35 -0.64
CA ASP A 76 31.75 13.19 0.22
C ASP A 76 32.96 13.07 1.15
N SER A 77 34.09 13.67 0.76
CA SER A 77 35.28 13.59 1.60
C SER A 77 35.17 14.54 2.77
N LYS A 78 34.30 15.52 2.64
CA LYS A 78 34.06 16.49 3.69
C LYS A 78 32.69 16.28 4.32
N ASN A 79 31.90 15.43 3.68
CA ASN A 79 30.52 15.19 4.11
C ASN A 79 29.76 16.49 4.21
N THR A 80 29.90 17.34 3.20
CA THR A 80 29.22 18.63 3.20
C THR A 80 28.34 18.80 1.97
N LEU A 81 27.14 19.31 2.20
CA LEU A 81 26.17 19.55 1.13
C LEU A 81 26.24 20.99 0.66
N TYR A 82 26.24 21.20 -0.65
CA TYR A 82 26.32 22.56 -1.19
C TYR A 82 25.18 22.92 -2.13
N LEU A 83 24.79 24.19 -2.10
CA LEU A 83 23.87 24.75 -3.09
C LEU A 83 24.41 26.04 -3.68
N GLN A 84 24.54 26.08 -4.99
CA GLN A 84 24.92 27.28 -5.69
C GLN A 84 23.71 27.93 -6.32
N MET A 85 23.51 29.21 -6.05
CA MET A 85 22.40 29.93 -6.67
C MET A 85 22.94 31.02 -7.58
N ASN A 86 22.36 31.14 -8.76
CA ASN A 86 22.79 32.16 -9.71
C ASN A 86 21.64 33.04 -10.14
N SER A 87 21.95 34.26 -10.58
CA SER A 87 20.93 35.19 -11.05
C SER A 87 19.83 35.35 -10.01
N LEU A 88 20.21 35.64 -8.78
CA LEU A 88 19.23 35.68 -7.69
C LEU A 88 18.20 36.78 -7.89
N LYS A 89 16.96 36.45 -7.55
CA LYS A 89 15.84 37.38 -7.65
C LYS A 89 15.32 37.73 -6.27
N THR A 90 14.59 38.83 -6.15
CA THR A 90 14.03 39.19 -4.85
C THR A 90 13.02 38.13 -4.40
N GLU A 91 12.49 37.40 -5.38
CA GLU A 91 11.57 36.29 -5.17
C GLU A 91 12.23 35.14 -4.41
N ASP A 92 13.56 35.08 -4.46
CA ASP A 92 14.31 33.98 -3.86
C ASP A 92 14.63 34.25 -2.39
N THR A 93 14.22 35.40 -1.86
CA THR A 93 14.49 35.67 -0.45
C THR A 93 13.79 34.64 0.41
N ALA A 94 14.57 33.96 1.25
CA ALA A 94 14.02 32.90 2.08
C ALA A 94 15.04 32.40 3.09
N VAL A 95 14.55 31.67 4.09
CA VAL A 95 15.44 30.89 4.92
C VAL A 95 15.63 29.53 4.27
N TYR A 96 16.88 29.15 4.06
CA TYR A 96 17.18 27.89 3.38
C TYR A 96 17.60 26.82 4.37
N TYR A 97 17.05 25.63 4.20
CA TYR A 97 17.31 24.50 5.09
C TYR A 97 17.90 23.30 4.36
N CYS A 98 18.77 22.58 5.04
CA CYS A 98 19.20 21.27 4.57
C CYS A 98 18.50 20.19 5.36
N THR A 99 17.98 19.18 4.67
CA THR A 99 17.25 18.13 5.34
C THR A 99 17.42 16.75 4.75
N THR A 100 17.10 15.75 5.57
CA THR A 100 17.05 14.36 5.15
C THR A 100 15.63 13.96 4.80
N ALA A 101 14.70 14.88 4.96
CA ALA A 101 13.29 14.55 4.83
C ALA A 101 13.00 13.92 3.48
N GLY A 102 12.23 12.84 3.54
CA GLY A 102 11.77 12.11 2.36
C GLY A 102 12.78 11.08 1.86
N SER A 103 13.99 11.09 2.42
CA SER A 103 15.02 10.18 1.94
C SER A 103 14.87 8.74 2.42
N TYR A 104 14.25 8.56 3.59
CA TYR A 104 14.27 7.24 4.21
C TYR A 104 13.56 6.20 3.38
N TYR A 105 12.51 6.64 2.68
CA TYR A 105 11.78 5.71 1.86
C TYR A 105 12.59 5.21 0.68
N TYR A 106 13.50 6.05 0.18
CA TYR A 106 14.21 5.70 -1.04
C TYR A 106 15.67 5.36 -0.81
N ASP A 107 16.19 5.65 0.37
CA ASP A 107 17.61 5.40 0.64
C ASP A 107 17.85 3.98 1.10
N THR A 108 19.11 3.65 1.36
CA THR A 108 19.53 2.31 1.71
C THR A 108 19.73 2.12 3.22
N VAL A 109 19.32 3.11 3.98
CA VAL A 109 19.53 3.11 5.42
C VAL A 109 18.58 2.13 6.12
N GLY A 110 19.15 1.34 7.02
CA GLY A 110 18.44 0.31 7.75
C GLY A 110 17.71 0.89 8.96
N PRO A 111 17.26 0.05 9.89
CA PRO A 111 16.44 0.37 11.03
C PRO A 111 17.23 1.08 12.13
N GLY A 112 18.57 0.98 12.06
CA GLY A 112 19.44 1.45 13.13
C GLY A 112 19.64 2.96 13.14
N LEU A 113 18.54 3.69 13.27
CA LEU A 113 18.57 5.14 13.30
C LEU A 113 19.03 5.63 14.67
N PRO A 114 20.00 6.53 14.76
CA PRO A 114 20.70 6.93 15.98
C PRO A 114 19.80 7.57 17.02
N GLU A 115 18.71 8.20 16.58
CA GLU A 115 17.77 8.82 17.49
C GLU A 115 16.41 8.14 17.47
N GLY A 116 16.33 7.04 16.73
CA GLY A 116 15.06 6.34 16.53
C GLY A 116 14.24 6.97 15.40
N LYS A 117 14.79 8.01 14.78
CA LYS A 117 14.12 8.70 13.69
C LYS A 117 15.10 9.01 12.57
N PHE A 118 14.58 9.16 11.37
CA PHE A 118 15.37 9.47 10.19
C PHE A 118 15.22 10.91 9.73
N ASP A 119 14.32 11.64 10.38
CA ASP A 119 13.97 12.98 9.96
C ASP A 119 14.85 14.03 10.62
N TYR A 120 15.78 14.59 9.86
CA TYR A 120 16.65 15.61 10.41
C TYR A 120 16.62 16.88 9.59
N TRP A 121 16.59 18.01 10.29
CA TRP A 121 16.59 19.33 9.68
C TRP A 121 17.61 20.22 10.34
N GLY A 122 18.21 21.10 9.56
CA GLY A 122 19.07 22.13 10.10
C GLY A 122 18.23 23.29 10.61
N GLN A 123 18.87 24.28 11.22
CA GLN A 123 18.15 25.47 11.67
C GLN A 123 18.00 26.43 10.49
N GLY A 124 18.83 26.21 9.48
CA GLY A 124 18.79 26.95 8.23
C GLY A 124 19.50 28.29 8.34
N THR A 125 19.57 29.01 7.23
CA THR A 125 20.16 30.33 7.22
C THR A 125 19.37 31.27 6.33
N LEU A 126 19.36 32.55 6.68
CA LEU A 126 18.62 33.53 5.89
C LEU A 126 19.42 34.06 4.72
N VAL A 127 18.78 34.06 3.57
CA VAL A 127 19.32 34.70 2.38
C VAL A 127 18.40 35.84 1.98
N THR A 128 18.96 37.03 1.85
CA THR A 128 18.16 38.18 1.49
C THR A 128 18.61 38.77 0.18
N VAL A 129 17.65 39.05 -0.69
CA VAL A 129 17.98 39.67 -1.95
C VAL A 129 17.30 41.03 -2.07
N SER A 130 18.09 42.08 -2.29
CA SER A 130 17.55 43.44 -2.35
C SER A 130 18.56 44.43 -2.90
N ASP B 1 5.02 19.85 -11.74
CA ASP B 1 5.13 19.55 -10.31
C ASP B 1 3.76 19.21 -9.73
N ILE B 2 3.72 18.20 -8.86
CA ILE B 2 2.47 17.83 -8.19
C ILE B 2 2.16 18.86 -7.13
N VAL B 3 0.90 19.32 -7.07
CA VAL B 3 0.56 20.35 -6.10
C VAL B 3 -0.46 19.90 -5.06
N MET B 4 -0.09 20.02 -3.80
CA MET B 4 -0.97 19.75 -2.68
C MET B 4 -1.64 21.03 -2.19
N THR B 5 -2.91 20.93 -1.82
CA THR B 5 -3.62 22.07 -1.24
C THR B 5 -4.19 21.70 0.12
N GLN B 6 -4.40 22.69 0.98
CA GLN B 6 -4.91 22.42 2.33
C GLN B 6 -6.06 23.33 2.71
N SER B 7 -6.92 22.84 3.60
CA SER B 7 -8.01 23.63 4.14
C SER B 7 -8.39 23.11 5.53
N PRO B 8 -8.79 24.01 6.44
CA PRO B 8 -8.86 25.46 6.39
C PRO B 8 -7.46 26.07 6.43
N ASP B 9 -7.35 27.33 6.03
CA ASP B 9 -6.08 28.03 6.14
C ASP B 9 -5.65 28.16 7.61
N SER B 10 -6.63 28.26 8.49
CA SER B 10 -6.38 28.31 9.92
C SER B 10 -7.60 27.81 10.69
N LEU B 11 -7.39 27.29 11.89
CA LEU B 11 -8.50 26.90 12.74
C LEU B 11 -8.26 27.23 14.21
N ALA B 12 -9.15 28.03 14.80
CA ALA B 12 -9.10 28.26 16.23
C ALA B 12 -9.71 27.08 16.96
N VAL B 13 -9.00 26.56 17.95
CA VAL B 13 -9.44 25.40 18.70
C VAL B 13 -9.35 25.65 20.21
N SER B 14 -10.39 25.37 20.97
CA SER B 14 -10.29 25.56 22.42
C SER B 14 -9.45 24.43 23.02
N LEU B 15 -8.87 24.66 24.19
CA LEU B 15 -8.07 23.59 24.78
C LEU B 15 -8.91 22.37 25.10
N GLY B 16 -8.39 21.21 24.72
CA GLY B 16 -9.04 19.92 24.95
C GLY B 16 -9.99 19.53 23.83
N GLU B 17 -10.26 20.46 22.91
CA GLU B 17 -11.17 20.24 21.79
C GLU B 17 -10.50 19.45 20.67
N ARG B 18 -11.26 18.55 20.06
CA ARG B 18 -10.81 17.77 18.90
C ARG B 18 -10.70 18.67 17.67
N ALA B 19 -9.69 18.44 16.84
CA ALA B 19 -9.51 19.28 15.65
C ALA B 19 -8.99 18.48 14.47
N THR B 20 -9.35 18.92 13.26
CA THR B 20 -8.90 18.25 12.05
C THR B 20 -8.35 19.20 11.00
N ILE B 21 -7.48 18.67 10.14
CA ILE B 21 -6.98 19.40 8.98
C ILE B 21 -7.20 18.61 7.69
N ASN B 22 -7.88 19.19 6.73
CA ASN B 22 -8.14 18.52 5.45
C ASN B 22 -7.09 18.88 4.41
N CYS B 23 -6.88 17.98 3.45
CA CYS B 23 -6.06 18.32 2.30
C CYS B 23 -6.48 17.54 1.06
N LYS B 24 -6.12 18.08 -0.09
CA LYS B 24 -6.39 17.43 -1.36
C LYS B 24 -5.25 17.60 -2.34
N SER B 25 -4.84 16.49 -2.95
CA SER B 25 -3.78 16.52 -3.95
C SER B 25 -4.34 16.75 -5.34
N SER B 26 -3.51 17.34 -6.21
CA SER B 26 -3.84 17.46 -7.63
C SER B 26 -3.92 16.08 -8.31
N GLN B 27 -3.28 15.08 -7.69
CA GLN B 27 -3.37 13.70 -8.18
C GLN B 27 -3.22 12.71 -7.03
N SER B 28 -3.68 11.48 -7.23
CA SER B 28 -3.55 10.46 -6.19
C SER B 28 -2.10 10.20 -5.85
N VAL B 29 -1.83 9.93 -4.57
CA VAL B 29 -0.48 9.59 -4.14
C VAL B 29 -0.37 8.09 -3.89
N LEU B 30 -1.43 7.37 -4.22
CA LEU B 30 -1.44 5.92 -4.10
C LEU B 30 -0.60 5.31 -5.21
N TYR B 31 0.26 4.37 -4.86
CA TYR B 31 1.11 3.71 -5.85
C TYR B 31 0.59 2.41 -6.41
N SER B 32 -0.66 2.06 -6.13
CA SER B 32 -1.16 0.74 -6.52
C SER B 32 -0.30 -0.29 -5.79
N SER B 33 0.85 -0.61 -6.36
CA SER B 33 1.77 -1.51 -5.71
C SER B 33 2.02 -1.04 -4.29
N ASN B 34 2.08 -2.00 -3.38
CA ASN B 34 2.28 -1.83 -1.94
C ASN B 34 1.04 -1.29 -1.22
N ASN B 35 0.05 -0.84 -1.97
CA ASN B 35 -1.16 -0.27 -1.41
C ASN B 35 -0.85 0.85 -0.41
N LYS B 36 0.14 1.69 -0.72
CA LYS B 36 0.50 2.78 0.19
C LYS B 36 0.27 4.15 -0.39
N ASN B 37 -0.15 5.06 0.49
CA ASN B 37 -0.34 6.46 0.17
C ASN B 37 0.86 7.27 0.62
N TYR B 38 1.58 7.85 -0.33
CA TYR B 38 2.83 8.55 -0.01
C TYR B 38 2.60 9.97 0.51
N LEU B 39 1.96 10.08 1.68
CA LEU B 39 1.69 11.37 2.31
C LEU B 39 2.19 11.44 3.74
N ALA B 40 2.92 12.51 4.06
CA ALA B 40 3.40 12.74 5.41
C ALA B 40 2.88 14.05 5.96
N TRP B 41 2.86 14.15 7.29
CA TRP B 41 2.48 15.40 7.94
C TRP B 41 3.62 15.90 8.83
N TYR B 42 3.85 17.21 8.76
CA TYR B 42 4.90 17.90 9.51
C TYR B 42 4.35 18.98 10.42
N GLN B 43 5.06 19.22 11.52
CA GLN B 43 4.70 20.26 12.48
C GLN B 43 5.78 21.33 12.55
N GLN B 44 5.40 22.60 12.52
CA GLN B 44 6.38 23.69 12.64
C GLN B 44 5.99 24.73 13.67
N LYS B 45 6.96 25.17 14.44
CA LYS B 45 6.75 26.27 15.38
C LYS B 45 7.62 27.44 14.94
N PRO B 46 7.24 28.69 15.23
CA PRO B 46 7.99 29.88 14.87
C PRO B 46 9.42 29.78 15.39
N GLY B 47 10.36 30.18 14.56
CA GLY B 47 11.78 30.18 14.93
C GLY B 47 12.42 28.80 14.79
N GLN B 48 11.65 27.81 14.34
CA GLN B 48 12.15 26.44 14.23
C GLN B 48 11.85 25.81 12.87
N PRO B 49 12.66 24.84 12.42
CA PRO B 49 12.42 23.98 11.28
C PRO B 49 11.26 23.04 11.59
N PRO B 50 10.55 22.58 10.56
CA PRO B 50 9.46 21.63 10.63
C PRO B 50 9.97 20.26 11.05
N LYS B 51 9.13 19.48 11.71
CA LYS B 51 9.48 18.10 12.04
C LYS B 51 8.35 17.13 11.70
N LEU B 52 8.75 15.93 11.31
CA LEU B 52 7.82 14.88 10.90
C LEU B 52 6.99 14.32 12.06
N LEU B 53 5.68 14.19 11.84
CA LEU B 53 4.84 13.49 12.80
C LEU B 53 4.44 12.10 12.29
N MET B 54 4.04 12.03 11.03
CA MET B 54 3.62 10.76 10.44
C MET B 54 4.15 10.67 9.01
N TYR B 55 4.66 9.50 8.62
CA TYR B 55 5.27 9.38 7.29
C TYR B 55 4.31 8.90 6.19
N TRP B 56 3.45 7.93 6.49
CA TRP B 56 2.45 7.46 5.53
C TRP B 56 1.07 7.95 5.91
N ALA B 57 1.02 8.79 6.93
CA ALA B 57 -0.22 9.28 7.54
C ALA B 57 -1.06 8.14 8.10
N SER B 58 -0.44 6.98 8.29
CA SER B 58 -1.11 5.85 8.90
C SER B 58 -0.40 5.40 10.18
N THR B 59 0.79 5.94 10.41
CA THR B 59 1.61 5.54 11.55
C THR B 59 2.30 6.72 12.17
N ARG B 60 2.53 6.64 13.49
CA ARG B 60 3.23 7.69 14.21
C ARG B 60 4.71 7.43 14.31
N GLU B 61 5.49 8.48 14.23
CA GLU B 61 6.92 8.42 14.48
C GLU B 61 7.20 8.46 15.97
N SER B 62 8.36 7.98 16.39
CA SER B 62 8.68 7.96 17.80
C SER B 62 8.65 9.37 18.40
N GLY B 63 8.10 9.47 19.60
CA GLY B 63 8.00 10.74 20.32
C GLY B 63 6.72 11.50 20.01
N VAL B 64 5.94 11.00 19.05
CA VAL B 64 4.68 11.64 18.69
C VAL B 64 3.54 11.13 19.58
N PRO B 65 2.75 12.00 20.23
CA PRO B 65 1.62 11.67 21.06
C PRO B 65 0.59 10.87 20.30
N ASP B 66 -0.09 9.96 21.01
CA ASP B 66 -1.08 9.07 20.41
C ASP B 66 -2.33 9.81 19.95
N ARG B 67 -2.45 11.06 20.35
CA ARG B 67 -3.58 11.88 19.98
C ARG B 67 -3.63 12.12 18.46
N PHE B 68 -2.47 12.03 17.81
CA PHE B 68 -2.37 12.30 16.38
C PHE B 68 -2.62 11.04 15.53
N SER B 69 -3.49 11.17 14.55
CA SER B 69 -3.70 10.09 13.58
C SER B 69 -4.17 10.64 12.24
N GLY B 70 -3.66 10.06 11.16
CA GLY B 70 -4.08 10.47 9.83
C GLY B 70 -5.25 9.62 9.36
N SER B 71 -5.79 9.95 8.19
CA SER B 71 -6.90 9.21 7.62
C SER B 71 -7.04 9.47 6.13
N GLY B 72 -7.81 8.63 5.46
CA GLY B 72 -8.12 8.81 4.03
C GLY B 72 -7.15 8.06 3.12
N SER B 73 -7.38 8.21 1.82
CA SER B 73 -6.65 7.47 0.80
C SER B 73 -6.68 8.20 -0.55
N GLY B 74 -5.84 7.77 -1.48
CA GLY B 74 -5.85 8.33 -2.82
C GLY B 74 -5.45 9.80 -2.82
N ALA B 75 -6.28 10.65 -3.43
CA ALA B 75 -5.98 12.07 -3.52
C ALA B 75 -6.40 12.87 -2.26
N GLU B 76 -7.23 12.28 -1.39
CA GLU B 76 -7.80 13.08 -0.30
C GLU B 76 -7.54 12.51 1.08
N PHE B 77 -7.11 13.37 2.00
CA PHE B 77 -6.75 12.94 3.35
C PHE B 77 -7.18 13.93 4.42
N THR B 78 -7.28 13.44 5.65
CA THR B 78 -7.50 14.30 6.80
C THR B 78 -6.59 13.90 7.97
N LEU B 79 -6.01 14.90 8.64
CA LEU B 79 -5.28 14.67 9.88
C LEU B 79 -6.17 14.99 11.06
N THR B 80 -6.23 14.11 12.04
CA THR B 80 -7.04 14.34 13.22
C THR B 80 -6.21 14.37 14.49
N ILE B 81 -6.49 15.36 15.33
CA ILE B 81 -5.92 15.41 16.67
C ILE B 81 -7.07 15.15 17.63
N SER B 82 -7.00 14.06 18.38
CA SER B 82 -8.16 13.65 19.18
C SER B 82 -8.54 14.67 20.23
N SER B 83 -7.55 15.44 20.69
CA SER B 83 -7.76 16.54 21.63
C SER B 83 -6.56 17.46 21.55
N LEU B 84 -6.78 18.76 21.37
CA LEU B 84 -5.67 19.68 21.23
C LEU B 84 -5.12 20.17 22.57
N GLN B 85 -3.80 20.17 22.70
CA GLN B 85 -3.12 20.75 23.86
C GLN B 85 -2.35 22.00 23.46
N ALA B 86 -2.02 22.85 24.43
CA ALA B 86 -1.29 24.07 24.13
C ALA B 86 0.07 23.77 23.48
N GLU B 87 0.65 22.62 23.85
CA GLU B 87 1.94 22.21 23.30
C GLU B 87 1.86 21.92 21.79
N ASP B 88 0.64 21.70 21.29
CA ASP B 88 0.42 21.31 19.91
C ASP B 88 0.20 22.51 18.99
N VAL B 89 0.30 23.73 19.52
CA VAL B 89 0.12 24.90 18.66
C VAL B 89 1.26 24.96 17.66
N ALA B 90 0.90 25.01 16.38
CA ALA B 90 1.89 24.91 15.31
C ALA B 90 1.28 25.18 13.95
N ILE B 91 2.14 25.33 12.96
CA ILE B 91 1.71 25.33 11.57
C ILE B 91 1.92 23.93 11.03
N TYR B 92 0.89 23.33 10.48
CA TYR B 92 1.00 21.96 9.99
C TYR B 92 1.08 21.89 8.49
N TYR B 93 1.94 21.02 7.98
CA TYR B 93 2.13 20.88 6.54
C TYR B 93 2.01 19.45 6.05
N CYS B 94 1.42 19.30 4.88
CA CYS B 94 1.45 18.05 4.14
C CYS B 94 2.71 17.95 3.29
N GLN B 95 3.25 16.73 3.15
CA GLN B 95 4.31 16.51 2.19
C GLN B 95 4.05 15.27 1.34
N GLN B 96 4.33 15.39 0.04
CA GLN B 96 4.15 14.26 -0.87
C GLN B 96 5.48 13.67 -1.31
N TYR B 97 5.52 12.34 -1.40
CA TYR B 97 6.71 11.65 -1.88
C TYR B 97 6.49 10.96 -3.21
N TYR B 98 5.31 11.20 -3.80
CA TYR B 98 4.97 10.50 -5.03
C TYR B 98 5.96 10.83 -6.15
N SER B 99 6.35 12.08 -6.23
CA SER B 99 7.36 12.50 -7.18
C SER B 99 8.11 13.68 -6.60
N THR B 100 9.43 13.70 -6.78
CA THR B 100 10.23 14.73 -6.16
C THR B 100 9.74 14.97 -4.74
N LEU B 101 9.68 16.22 -4.30
CA LEU B 101 9.00 16.55 -3.06
C LEU B 101 8.06 17.72 -3.25
N THR B 102 6.88 17.64 -2.64
CA THR B 102 5.95 18.76 -2.63
C THR B 102 5.42 19.07 -1.24
N PHE B 103 5.28 20.35 -0.93
CA PHE B 103 4.62 20.78 0.28
C PHE B 103 3.34 21.54 -0.02
N GLY B 104 2.38 21.45 0.88
CA GLY B 104 1.17 22.28 0.79
C GLY B 104 1.45 23.65 1.38
N GLY B 105 0.47 24.56 1.30
CA GLY B 105 0.62 25.91 1.85
C GLY B 105 0.66 25.91 3.37
N GLY B 106 0.13 24.85 3.98
CA GLY B 106 0.11 24.68 5.42
C GLY B 106 -1.18 25.21 6.05
N THR B 107 -1.44 24.77 7.28
CA THR B 107 -2.58 25.22 8.07
C THR B 107 -2.17 25.65 9.46
N LYS B 108 -2.70 26.77 9.92
CA LYS B 108 -2.40 27.25 11.26
C LYS B 108 -3.37 26.69 12.30
N VAL B 109 -2.83 26.14 13.37
CA VAL B 109 -3.66 25.72 14.50
C VAL B 109 -3.31 26.54 15.73
N GLU B 110 -4.32 27.20 16.29
CA GLU B 110 -4.12 28.10 17.42
C GLU B 110 -5.20 27.93 18.47
N ILE B 111 -4.91 28.37 19.69
CA ILE B 111 -5.88 28.24 20.77
C ILE B 111 -6.93 29.33 20.77
N LYS B 112 -8.19 28.92 20.79
CA LYS B 112 -9.31 29.84 20.81
C LYS B 112 -9.39 30.57 22.14
N ARG B 113 -9.52 31.89 22.08
CA ARG B 113 -9.66 32.69 23.30
C ARG B 113 -10.45 33.96 23.01
N THR B 114 -10.98 34.57 24.06
CA THR B 114 -11.71 35.83 23.93
C THR B 114 -10.76 37.01 23.99
N THR C 318 44.04 -14.18 -14.68
CA THR C 318 43.69 -14.87 -13.45
C THR C 318 43.16 -13.91 -12.40
N ASN C 319 42.32 -12.98 -12.83
CA ASN C 319 41.70 -12.02 -11.93
C ASN C 319 40.74 -12.74 -10.99
N LEU C 320 40.69 -12.29 -9.73
CA LEU C 320 39.77 -12.88 -8.78
C LEU C 320 38.35 -12.47 -9.11
N CYS C 321 37.41 -13.40 -8.96
CA CYS C 321 36.02 -13.08 -9.24
C CYS C 321 35.49 -12.04 -8.25
N PRO C 322 34.75 -11.03 -8.72
CA PRO C 322 34.20 -9.93 -7.95
C PRO C 322 32.96 -10.34 -7.18
N PHE C 323 33.12 -11.28 -6.25
CA PHE C 323 31.98 -11.76 -5.47
C PHE C 323 31.39 -10.66 -4.61
N GLY C 324 32.21 -9.68 -4.24
CA GLY C 324 31.72 -8.57 -3.44
C GLY C 324 30.65 -7.77 -4.17
N GLU C 325 30.68 -7.77 -5.50
CA GLU C 325 29.66 -7.05 -6.25
C GLU C 325 28.30 -7.73 -6.12
N VAL C 326 28.31 -9.00 -5.73
CA VAL C 326 27.10 -9.77 -5.55
C VAL C 326 26.70 -9.85 -4.08
N PHE C 327 27.63 -10.27 -3.24
CA PHE C 327 27.33 -10.52 -1.84
C PHE C 327 27.44 -9.29 -0.95
N ASN C 328 28.18 -8.28 -1.41
CA ASN C 328 28.35 -7.05 -0.64
C ASN C 328 27.54 -5.92 -1.25
N ALA C 329 26.64 -6.25 -2.16
CA ALA C 329 25.88 -5.23 -2.86
C ALA C 329 25.08 -4.40 -1.88
N THR C 330 25.06 -3.09 -2.11
CA THR C 330 24.28 -2.19 -1.27
C THR C 330 22.79 -2.40 -1.44
N ARG C 331 22.37 -2.70 -2.66
CA ARG C 331 20.97 -2.91 -2.96
C ARG C 331 20.74 -4.25 -3.63
N PHE C 332 19.58 -4.83 -3.35
CA PHE C 332 19.13 -6.05 -3.99
C PHE C 332 17.83 -5.83 -4.71
N ALA C 333 17.64 -6.54 -5.81
CA ALA C 333 16.42 -6.48 -6.58
C ALA C 333 15.26 -7.11 -5.84
N SER C 334 14.06 -6.62 -6.11
CA SER C 334 12.86 -7.27 -5.63
C SER C 334 12.77 -8.66 -6.25
N VAL C 335 12.26 -9.63 -5.49
CA VAL C 335 12.23 -11.00 -5.98
C VAL C 335 11.38 -11.20 -7.22
N TYR C 336 10.34 -10.37 -7.42
CA TYR C 336 9.53 -10.49 -8.63
C TYR C 336 10.35 -10.16 -9.87
N ALA C 337 11.39 -9.35 -9.69
CA ALA C 337 12.25 -8.90 -10.76
C ALA C 337 13.69 -9.17 -10.37
N TRP C 338 13.95 -10.42 -10.00
CA TRP C 338 15.22 -10.80 -9.43
C TRP C 338 16.39 -10.51 -10.36
N ASN C 339 17.49 -10.07 -9.78
CA ASN C 339 18.68 -9.70 -10.54
C ASN C 339 19.43 -10.91 -11.03
N ARG C 340 20.04 -10.81 -12.21
CA ARG C 340 20.87 -11.88 -12.72
C ARG C 340 22.20 -11.35 -13.22
N LYS C 341 23.29 -11.99 -12.81
CA LYS C 341 24.61 -11.59 -13.26
C LYS C 341 25.47 -12.80 -13.63
N ARG C 342 26.19 -12.68 -14.74
CA ARG C 342 27.09 -13.74 -15.17
C ARG C 342 28.47 -13.60 -14.54
N ILE C 343 29.00 -14.71 -14.05
CA ILE C 343 30.36 -14.79 -13.57
C ILE C 343 31.18 -15.63 -14.54
N SER C 344 32.21 -15.04 -15.11
CA SER C 344 33.01 -15.75 -16.11
C SER C 344 34.43 -15.22 -16.20
N ASN C 345 35.32 -16.04 -16.76
CA ASN C 345 36.70 -15.64 -17.02
C ASN C 345 37.42 -15.10 -15.79
N CYS C 346 37.25 -15.77 -14.65
CA CYS C 346 37.87 -15.33 -13.41
C CYS C 346 38.10 -16.48 -12.43
N VAL C 347 38.87 -16.19 -11.37
CA VAL C 347 39.17 -17.19 -10.36
C VAL C 347 38.21 -17.11 -9.18
N ALA C 348 37.39 -18.14 -9.06
CA ALA C 348 36.38 -18.21 -8.03
C ALA C 348 36.95 -18.72 -6.72
N ASP C 349 36.36 -18.27 -5.62
CA ASP C 349 36.64 -18.86 -4.32
C ASP C 349 35.37 -18.96 -3.52
N TYR C 350 34.85 -20.17 -3.38
CA TYR C 350 33.63 -20.34 -2.64
C TYR C 350 33.93 -20.79 -1.21
N SER C 351 35.21 -21.10 -0.96
CA SER C 351 35.59 -21.58 0.36
C SER C 351 35.62 -20.42 1.32
N VAL C 352 35.90 -19.24 0.79
CA VAL C 352 35.87 -18.04 1.61
C VAL C 352 34.44 -17.73 2.03
N LEU C 353 33.48 -18.04 1.16
CA LEU C 353 32.09 -17.84 1.49
C LEU C 353 31.63 -18.88 2.49
N TYR C 354 31.99 -20.13 2.23
CA TYR C 354 31.56 -21.24 3.06
C TYR C 354 32.10 -21.13 4.48
N ASN C 355 33.33 -20.67 4.61
CA ASN C 355 33.97 -20.59 5.91
C ASN C 355 33.82 -19.22 6.56
N SER C 356 33.06 -18.32 5.95
CA SER C 356 32.84 -17.02 6.55
C SER C 356 31.99 -17.12 7.80
N ALA C 357 31.18 -18.18 7.86
CA ALA C 357 30.20 -18.41 8.91
C ALA C 357 29.24 -17.23 9.06
N SER C 358 29.15 -16.40 8.01
CA SER C 358 28.25 -15.26 8.02
C SER C 358 26.87 -15.63 7.50
N PHE C 359 26.79 -16.78 6.85
CA PHE C 359 25.56 -17.18 6.19
C PHE C 359 24.69 -18.04 7.08
N SER C 360 23.38 -17.77 7.07
CA SER C 360 22.45 -18.57 7.85
C SER C 360 22.20 -19.91 7.16
N THR C 361 22.34 -19.91 5.83
CA THR C 361 22.19 -21.13 5.06
C THR C 361 23.21 -21.17 3.95
N PHE C 362 23.82 -22.34 3.76
CA PHE C 362 24.66 -22.58 2.61
C PHE C 362 24.43 -24.00 2.14
N LYS C 363 23.45 -24.19 1.27
CA LYS C 363 23.06 -25.54 0.91
C LYS C 363 23.17 -25.79 -0.57
N CYS C 364 23.81 -26.90 -0.94
CA CYS C 364 23.95 -27.25 -2.34
C CYS C 364 23.04 -28.37 -2.75
N TYR C 365 22.44 -28.22 -3.91
CA TYR C 365 21.66 -29.27 -4.53
C TYR C 365 22.50 -29.89 -5.64
N GLY C 366 23.64 -29.26 -5.87
CA GLY C 366 24.65 -29.72 -6.80
C GLY C 366 25.77 -30.36 -6.02
N VAL C 367 26.99 -30.20 -6.51
CA VAL C 367 28.16 -30.77 -5.88
C VAL C 367 28.34 -30.17 -4.49
N SER C 368 28.69 -31.01 -3.53
CA SER C 368 28.75 -30.59 -2.13
C SER C 368 29.65 -29.37 -1.95
N PRO C 369 29.35 -28.48 -0.98
CA PRO C 369 29.89 -27.13 -0.82
C PRO C 369 31.40 -27.03 -0.88
N THR C 370 32.10 -28.08 -0.48
CA THR C 370 33.55 -28.00 -0.50
C THR C 370 34.13 -28.83 -1.64
N LYS C 371 33.39 -29.82 -2.11
CA LYS C 371 33.88 -30.67 -3.19
C LYS C 371 33.90 -29.89 -4.50
N LEU C 372 33.00 -28.93 -4.62
CA LEU C 372 32.88 -28.10 -5.80
C LEU C 372 34.09 -27.21 -6.04
N ASN C 373 34.91 -27.02 -5.00
CA ASN C 373 36.04 -26.11 -5.10
C ASN C 373 37.15 -26.68 -5.99
N ASP C 374 37.09 -27.98 -6.27
CA ASP C 374 38.06 -28.62 -7.13
C ASP C 374 37.59 -28.68 -8.58
N LEU C 375 36.41 -28.14 -8.85
CA LEU C 375 35.82 -28.25 -10.18
C LEU C 375 35.83 -26.94 -10.95
N CYS C 376 35.99 -27.05 -12.28
CA CYS C 376 35.90 -25.90 -13.17
C CYS C 376 34.60 -25.92 -13.97
N PHE C 377 34.08 -24.73 -14.26
CA PHE C 377 32.82 -24.59 -15.00
C PHE C 377 32.95 -23.59 -16.15
N THR C 378 32.09 -23.72 -17.15
CA THR C 378 32.11 -22.77 -18.24
C THR C 378 31.59 -21.42 -17.79
N ASN C 379 30.64 -21.43 -16.87
CA ASN C 379 30.16 -20.19 -16.26
C ASN C 379 29.43 -20.47 -14.96
N VAL C 380 29.23 -19.39 -14.19
CA VAL C 380 28.36 -19.42 -13.02
C VAL C 380 27.43 -18.22 -13.03
N TYR C 381 26.15 -18.43 -12.73
CA TYR C 381 25.24 -17.29 -12.67
C TYR C 381 24.81 -17.01 -11.25
N ALA C 382 24.75 -15.74 -10.90
CA ALA C 382 24.27 -15.33 -9.58
C ALA C 382 22.92 -14.68 -9.69
N ASP C 383 21.92 -15.28 -9.05
CA ASP C 383 20.58 -14.72 -8.99
C ASP C 383 20.36 -14.09 -7.63
N SER C 384 20.16 -12.77 -7.59
CA SER C 384 20.07 -12.06 -6.31
C SER C 384 18.68 -11.50 -6.03
N PHE C 385 18.18 -11.77 -4.83
CA PHE C 385 16.87 -11.29 -4.40
C PHE C 385 16.68 -11.31 -2.88
N VAL C 386 15.63 -10.63 -2.40
CA VAL C 386 15.30 -10.64 -0.98
C VAL C 386 13.91 -11.21 -0.67
N ILE C 387 13.87 -12.19 0.22
CA ILE C 387 12.63 -12.84 0.66
C ILE C 387 12.58 -13.01 2.19
N ARG C 388 11.41 -13.39 2.71
CA ARG C 388 11.29 -13.68 4.14
C ARG C 388 12.07 -14.93 4.52
N GLY C 389 12.56 -15.00 5.75
CA GLY C 389 13.32 -16.16 6.18
C GLY C 389 12.55 -17.48 6.04
N ASP C 390 11.25 -17.45 6.27
CA ASP C 390 10.45 -18.66 6.11
C ASP C 390 10.32 -19.11 4.66
N GLU C 391 10.55 -18.19 3.73
CA GLU C 391 10.44 -18.47 2.31
C GLU C 391 11.72 -19.04 1.73
N VAL C 392 12.79 -19.04 2.51
CA VAL C 392 14.07 -19.51 2.00
C VAL C 392 13.99 -20.95 1.57
N ARG C 393 13.18 -21.74 2.27
CA ARG C 393 13.01 -23.15 1.93
C ARG C 393 12.42 -23.34 0.55
N GLN C 394 11.72 -22.32 0.02
CA GLN C 394 11.11 -22.42 -1.30
C GLN C 394 12.16 -22.33 -2.39
N ILE C 395 13.36 -21.86 -2.06
CA ILE C 395 14.36 -21.72 -3.08
C ILE C 395 15.12 -23.02 -3.19
N ALA C 396 14.54 -23.93 -3.94
CA ALA C 396 15.04 -25.28 -4.12
C ALA C 396 14.30 -25.91 -5.28
N PRO C 397 14.83 -26.96 -5.90
CA PRO C 397 14.13 -27.79 -6.87
C PRO C 397 12.97 -28.52 -6.21
N GLY C 398 11.89 -28.71 -6.97
CA GLY C 398 10.74 -29.51 -6.54
C GLY C 398 9.78 -28.77 -5.60
N GLN C 399 10.02 -27.48 -5.36
CA GLN C 399 9.22 -26.73 -4.39
C GLN C 399 8.03 -26.01 -4.99
N THR C 400 7.08 -25.71 -4.11
CA THR C 400 5.88 -24.94 -4.44
C THR C 400 5.68 -23.82 -3.40
N GLY C 401 4.61 -23.05 -3.58
CA GLY C 401 4.34 -21.89 -2.75
C GLY C 401 4.49 -20.62 -3.58
N LYS C 402 4.12 -19.48 -3.00
CA LYS C 402 4.05 -18.25 -3.79
C LYS C 402 5.38 -17.83 -4.42
N ILE C 403 6.49 -18.08 -3.73
CA ILE C 403 7.75 -17.64 -4.32
C ILE C 403 8.19 -18.61 -5.39
N ALA C 404 8.10 -19.90 -5.06
CA ALA C 404 8.53 -20.94 -5.98
C ALA C 404 7.73 -20.93 -7.28
N ASP C 405 6.44 -20.63 -7.21
CA ASP C 405 5.63 -20.66 -8.43
C ASP C 405 5.51 -19.33 -9.17
N TYR C 406 5.56 -18.20 -8.46
CA TYR C 406 5.29 -16.95 -9.15
C TYR C 406 6.44 -15.95 -9.21
N ASN C 407 7.48 -16.16 -8.42
CA ASN C 407 8.57 -15.19 -8.41
C ASN C 407 9.89 -15.73 -8.92
N TYR C 408 10.28 -16.89 -8.42
CA TYR C 408 11.54 -17.49 -8.81
C TYR C 408 11.45 -18.99 -8.74
N LYS C 409 11.94 -19.66 -9.77
CA LYS C 409 11.87 -21.12 -9.77
C LYS C 409 13.15 -21.78 -10.23
N LEU C 410 13.55 -22.82 -9.51
CA LEU C 410 14.66 -23.64 -9.93
C LEU C 410 14.13 -24.92 -10.58
N PRO C 411 14.77 -25.41 -11.64
CA PRO C 411 14.44 -26.64 -12.35
C PRO C 411 14.74 -27.84 -11.48
N ASP C 412 14.04 -28.94 -11.74
CA ASP C 412 14.26 -30.18 -11.00
C ASP C 412 15.66 -30.75 -11.26
N ASP C 413 16.27 -30.30 -12.35
CA ASP C 413 17.61 -30.71 -12.74
C ASP C 413 18.67 -29.72 -12.25
N PHE C 414 18.27 -28.80 -11.39
CA PHE C 414 19.17 -27.75 -10.94
C PHE C 414 20.42 -28.27 -10.28
N THR C 415 21.55 -27.69 -10.68
CA THR C 415 22.85 -27.97 -10.08
C THR C 415 23.45 -26.65 -9.59
N GLY C 416 23.79 -26.62 -8.31
CA GLY C 416 24.35 -25.39 -7.74
C GLY C 416 23.98 -25.25 -6.27
N CYS C 417 24.17 -24.03 -5.76
CA CYS C 417 23.97 -23.79 -4.34
C CYS C 417 23.13 -22.56 -4.02
N VAL C 418 22.42 -22.63 -2.90
CA VAL C 418 21.61 -21.54 -2.42
C VAL C 418 22.16 -21.00 -1.11
N ILE C 419 22.47 -19.71 -1.09
CA ILE C 419 23.06 -19.08 0.07
C ILE C 419 22.17 -17.98 0.63
N ALA C 420 21.86 -18.06 1.93
CA ALA C 420 21.02 -17.03 2.56
C ALA C 420 21.78 -16.26 3.63
N TRP C 421 21.52 -14.97 3.70
CA TRP C 421 22.16 -14.07 4.66
C TRP C 421 21.12 -13.19 5.33
N ASN C 422 21.23 -12.99 6.64
CA ASN C 422 20.22 -12.23 7.38
C ASN C 422 20.43 -10.74 7.25
N SER C 423 19.50 -10.06 6.60
CA SER C 423 19.66 -8.65 6.29
C SER C 423 18.81 -7.75 7.16
N ASN C 424 18.32 -8.27 8.28
CA ASN C 424 17.43 -7.48 9.14
C ASN C 424 18.07 -6.20 9.62
N ASN C 425 19.39 -6.16 9.69
CA ASN C 425 20.09 -4.95 10.10
C ASN C 425 20.28 -3.96 8.96
N LEU C 426 20.00 -4.38 7.72
CA LEU C 426 20.18 -3.50 6.57
C LEU C 426 18.89 -3.21 5.80
N ASP C 427 18.14 -4.25 5.45
CA ASP C 427 16.98 -4.08 4.58
C ASP C 427 15.71 -3.67 5.32
N SER C 428 15.67 -3.84 6.63
CA SER C 428 14.47 -3.46 7.37
C SER C 428 14.42 -1.96 7.56
N LYS C 429 13.21 -1.42 7.69
CA LYS C 429 13.06 0.00 8.02
C LYS C 429 12.06 0.15 9.14
N VAL C 430 12.22 1.19 9.95
CA VAL C 430 11.39 1.31 11.15
C VAL C 430 9.89 1.37 10.86
N GLY C 431 9.51 2.11 9.82
CA GLY C 431 8.11 2.21 9.42
C GLY C 431 7.72 1.08 8.48
N GLY C 432 8.70 0.23 8.17
CA GLY C 432 8.55 -0.87 7.25
C GLY C 432 9.21 -0.54 5.92
N ASN C 433 9.88 -1.53 5.35
CA ASN C 433 10.49 -1.35 4.03
C ASN C 433 9.60 -1.98 2.99
N TYR C 434 8.97 -1.13 2.19
CA TYR C 434 8.00 -1.59 1.21
C TYR C 434 8.58 -1.57 -0.19
N ASN C 435 9.90 -1.37 -0.29
CA ASN C 435 10.56 -1.34 -1.58
C ASN C 435 10.85 -2.73 -2.12
N TYR C 436 10.72 -3.75 -1.27
CA TYR C 436 10.93 -5.11 -1.74
C TYR C 436 9.60 -5.76 -2.08
N LEU C 437 9.43 -6.07 -3.35
CA LEU C 437 8.17 -6.57 -3.87
C LEU C 437 8.24 -8.03 -4.27
N TYR C 438 7.11 -8.71 -4.15
CA TYR C 438 6.98 -10.06 -4.68
C TYR C 438 5.67 -10.20 -5.42
N ARG C 439 5.63 -11.09 -6.39
CA ARG C 439 4.41 -11.32 -7.15
C ARG C 439 3.42 -12.13 -6.34
N LEU C 440 2.19 -11.66 -6.33
CA LEU C 440 1.10 -12.32 -5.66
C LEU C 440 0.25 -13.12 -6.62
N PHE C 441 -0.01 -12.56 -7.80
CA PHE C 441 -0.85 -13.23 -8.78
C PHE C 441 -0.18 -13.42 -10.13
N ARG C 442 -0.49 -14.54 -10.78
CA ARG C 442 -0.09 -14.77 -12.16
C ARG C 442 -1.09 -15.73 -12.79
N LYS C 443 -1.24 -15.64 -14.11
CA LYS C 443 -2.14 -16.53 -14.84
C LYS C 443 -1.73 -18.00 -14.75
N SER C 444 -0.43 -18.23 -14.59
CA SER C 444 0.11 -19.59 -14.51
C SER C 444 1.46 -19.60 -13.79
N ASN C 445 1.90 -20.79 -13.40
CA ASN C 445 3.19 -20.96 -12.75
C ASN C 445 4.36 -20.64 -13.68
N LEU C 446 5.44 -20.14 -13.11
CA LEU C 446 6.65 -19.81 -13.88
C LEU C 446 7.40 -21.03 -14.39
N LYS C 447 8.03 -20.87 -15.54
CA LYS C 447 9.03 -21.81 -16.01
C LYS C 447 10.31 -21.57 -15.22
N PRO C 448 11.18 -22.56 -15.03
CA PRO C 448 12.42 -22.41 -14.32
C PRO C 448 13.22 -21.25 -14.87
N PHE C 449 13.76 -20.44 -13.97
CA PHE C 449 14.53 -19.23 -14.28
C PHE C 449 13.77 -18.20 -15.12
N GLU C 450 12.45 -18.26 -15.15
CA GLU C 450 11.66 -17.23 -15.82
C GLU C 450 11.60 -15.96 -14.98
N ARG C 451 11.67 -14.81 -15.63
CA ARG C 451 11.62 -13.53 -14.93
C ARG C 451 10.47 -12.67 -15.43
N ASP C 452 9.33 -12.75 -14.74
CA ASP C 452 8.14 -12.01 -15.15
C ASP C 452 8.03 -10.67 -14.42
N ILE C 453 8.24 -9.60 -15.17
CA ILE C 453 8.25 -8.26 -14.57
C ILE C 453 7.05 -7.43 -14.98
N SER C 454 6.04 -8.06 -15.56
CA SER C 454 4.85 -7.34 -15.98
C SER C 454 4.11 -6.74 -14.80
N THR C 455 3.57 -5.54 -15.00
CA THR C 455 2.78 -4.85 -14.00
C THR C 455 1.30 -4.80 -14.39
N GLU C 456 0.95 -5.51 -15.45
CA GLU C 456 -0.42 -5.52 -15.94
C GLU C 456 -1.37 -6.04 -14.88
N ILE C 457 -2.53 -5.40 -14.76
CA ILE C 457 -3.48 -5.77 -13.72
C ILE C 457 -3.98 -7.20 -13.91
N TYR C 458 -3.92 -7.98 -12.84
CA TYR C 458 -4.33 -9.37 -12.90
C TYR C 458 -5.84 -9.50 -13.01
N GLN C 459 -6.28 -10.29 -13.97
CA GLN C 459 -7.70 -10.53 -14.17
C GLN C 459 -8.17 -11.81 -13.50
N ALA C 460 -9.38 -11.76 -12.96
CA ALA C 460 -10.04 -12.95 -12.46
C ALA C 460 -11.48 -12.95 -12.94
N GLY C 461 -12.05 -14.14 -13.08
CA GLY C 461 -13.46 -14.26 -13.44
C GLY C 461 -13.68 -14.15 -14.95
N SER C 462 -14.95 -14.29 -15.37
CA SER C 462 -15.30 -14.26 -16.77
C SER C 462 -15.28 -12.85 -17.37
N THR C 463 -15.57 -11.85 -16.54
CA THR C 463 -15.59 -10.47 -17.02
C THR C 463 -14.17 -9.99 -17.33
N PRO C 464 -13.89 -9.44 -18.52
CA PRO C 464 -12.62 -8.85 -18.88
C PRO C 464 -12.27 -7.72 -17.93
N CYS C 465 -11.00 -7.64 -17.53
CA CYS C 465 -10.58 -6.54 -16.68
C CYS C 465 -10.38 -5.28 -17.49
N ASN C 466 -10.82 -4.15 -16.96
CA ASN C 466 -10.72 -2.87 -17.63
C ASN C 466 -9.42 -2.13 -17.34
N GLY C 467 -8.50 -2.81 -16.64
CA GLY C 467 -7.20 -2.23 -16.30
C GLY C 467 -7.26 -1.39 -15.03
N VAL C 468 -8.42 -1.37 -14.38
CA VAL C 468 -8.60 -0.60 -13.17
C VAL C 468 -8.88 -1.52 -11.98
N GLU C 469 -8.12 -1.35 -10.91
CA GLU C 469 -8.30 -2.17 -9.72
C GLU C 469 -9.66 -1.91 -9.09
N GLY C 470 -10.28 -2.95 -8.54
CA GLY C 470 -11.53 -2.77 -7.81
C GLY C 470 -12.16 -4.09 -7.40
N PHE C 471 -12.57 -4.90 -8.38
CA PHE C 471 -13.12 -6.22 -8.08
C PHE C 471 -12.72 -7.19 -9.17
N ASN C 472 -12.08 -8.28 -8.79
CA ASN C 472 -11.55 -9.26 -9.73
C ASN C 472 -10.54 -8.62 -10.69
N CYS C 473 -9.97 -7.51 -10.24
CA CYS C 473 -8.87 -6.80 -10.87
C CYS C 473 -7.90 -6.37 -9.80
N TYR C 474 -6.69 -6.89 -9.82
CA TYR C 474 -5.73 -6.56 -8.77
C TYR C 474 -4.34 -6.31 -9.32
N PHE C 475 -3.59 -5.42 -8.70
CA PHE C 475 -2.21 -5.27 -9.08
C PHE C 475 -1.50 -6.57 -8.71
N PRO C 476 -0.70 -7.17 -9.61
CA PRO C 476 -0.05 -8.45 -9.45
C PRO C 476 0.97 -8.52 -8.33
N LEU C 477 1.52 -7.39 -7.91
CA LEU C 477 2.59 -7.39 -6.92
C LEU C 477 2.10 -6.98 -5.54
N GLN C 478 2.80 -7.49 -4.52
CA GLN C 478 2.55 -7.13 -3.14
C GLN C 478 3.88 -6.84 -2.42
N SER C 479 3.90 -5.84 -1.58
CA SER C 479 5.12 -5.52 -0.84
C SER C 479 5.32 -6.40 0.38
N TYR C 480 6.58 -6.57 0.77
CA TYR C 480 6.89 -7.14 2.06
C TYR C 480 6.81 -6.05 3.12
N GLY C 481 6.33 -6.40 4.30
CA GLY C 481 6.33 -5.48 5.43
C GLY C 481 7.58 -5.68 6.29
N PHE C 482 8.76 -5.37 5.75
CA PHE C 482 9.97 -5.67 6.49
C PHE C 482 10.26 -4.64 7.58
N GLN C 483 10.24 -5.11 8.83
CA GLN C 483 10.45 -4.26 10.00
C GLN C 483 11.43 -4.92 10.96
N PRO C 484 12.21 -4.15 11.74
CA PRO C 484 13.21 -4.62 12.68
C PRO C 484 12.64 -5.46 13.81
N THR C 485 11.34 -5.30 14.06
CA THR C 485 10.67 -6.01 15.15
C THR C 485 10.10 -7.35 14.70
N ASN C 486 10.23 -7.66 13.42
CA ASN C 486 9.71 -8.91 12.88
C ASN C 486 10.39 -10.13 13.49
N GLY C 487 9.64 -11.21 13.64
CA GLY C 487 10.21 -12.47 14.09
C GLY C 487 11.13 -12.98 12.99
N VAL C 488 12.00 -13.92 13.32
CA VAL C 488 13.02 -14.33 12.36
C VAL C 488 12.43 -14.85 11.06
N GLY C 489 11.32 -15.56 11.14
CA GLY C 489 10.68 -16.07 9.93
C GLY C 489 10.18 -14.93 9.02
N TYR C 490 9.96 -13.75 9.62
CA TYR C 490 9.47 -12.60 8.88
C TYR C 490 10.56 -11.57 8.63
N GLN C 491 11.77 -11.84 9.09
CA GLN C 491 12.89 -10.98 8.80
C GLN C 491 13.34 -11.23 7.37
N PRO C 492 13.83 -10.20 6.67
CA PRO C 492 14.36 -10.30 5.33
C PRO C 492 15.66 -11.07 5.31
N TYR C 493 15.83 -11.86 4.26
CA TYR C 493 17.10 -12.51 3.99
C TYR C 493 17.53 -12.22 2.58
N ARG C 494 18.80 -11.89 2.41
CA ARG C 494 19.34 -11.75 1.08
C ARG C 494 19.71 -13.12 0.60
N VAL C 495 19.25 -13.46 -0.59
CA VAL C 495 19.50 -14.79 -1.11
C VAL C 495 20.22 -14.73 -2.43
N VAL C 496 21.30 -15.47 -2.51
CA VAL C 496 22.04 -15.59 -3.75
C VAL C 496 22.05 -17.03 -4.20
N VAL C 497 21.58 -17.25 -5.42
CA VAL C 497 21.61 -18.60 -5.95
C VAL C 497 22.69 -18.69 -6.99
N LEU C 498 23.60 -19.63 -6.79
CA LEU C 498 24.68 -19.82 -7.72
C LEU C 498 24.38 -21.00 -8.63
N SER C 499 24.12 -20.71 -9.89
CA SER C 499 23.83 -21.76 -10.86
C SER C 499 25.08 -22.04 -11.65
N PHE C 500 25.40 -23.31 -11.82
CA PHE C 500 26.62 -23.67 -12.52
C PHE C 500 26.31 -24.37 -13.83
N GLU C 501 27.08 -24.07 -14.88
CA GLU C 501 26.85 -24.73 -16.15
C GLU C 501 28.11 -25.32 -16.77
N LEU C 502 27.92 -26.47 -17.42
CA LEU C 502 28.94 -27.05 -18.26
C LEU C 502 28.48 -27.07 -19.72
N LEU C 503 28.88 -26.03 -20.45
CA LEU C 503 28.58 -25.89 -21.87
C LEU C 503 29.63 -26.61 -22.69
N HIS C 504 29.35 -26.85 -23.97
CA HIS C 504 30.32 -27.50 -24.83
C HIS C 504 31.43 -26.51 -25.21
N ALA C 505 32.25 -26.18 -24.22
CA ALA C 505 33.30 -25.17 -24.31
C ALA C 505 34.35 -25.45 -23.23
N PRO C 506 35.57 -24.94 -23.37
CA PRO C 506 36.57 -24.88 -22.32
C PRO C 506 36.02 -24.13 -21.11
N ALA C 507 36.36 -24.60 -19.92
CA ALA C 507 35.91 -23.94 -18.70
C ALA C 507 36.53 -22.56 -18.58
N THR C 508 35.79 -21.60 -18.03
CA THR C 508 36.36 -20.26 -17.84
C THR C 508 36.41 -19.90 -16.36
N VAL C 509 35.75 -20.70 -15.53
CA VAL C 509 35.71 -20.43 -14.10
C VAL C 509 36.36 -21.55 -13.32
N CYS C 510 37.37 -21.20 -12.52
CA CYS C 510 38.10 -22.18 -11.72
C CYS C 510 38.47 -21.60 -10.36
N GLY C 511 38.92 -22.45 -9.43
CA GLY C 511 39.30 -21.98 -8.10
C GLY C 511 40.50 -22.77 -7.55
N GLU D 1 -18.72 9.18 -2.19
CA GLU D 1 -19.38 7.90 -2.44
C GLU D 1 -20.60 8.08 -3.33
N ILE D 2 -20.78 7.16 -4.28
CA ILE D 2 -21.89 7.25 -5.23
C ILE D 2 -23.20 6.81 -4.61
N VAL D 3 -24.22 7.65 -4.75
CA VAL D 3 -25.51 7.36 -4.14
C VAL D 3 -26.44 6.65 -5.10
N LEU D 4 -27.00 5.53 -4.65
CA LEU D 4 -27.96 4.81 -5.45
C LEU D 4 -29.36 5.00 -4.86
N THR D 5 -30.36 5.16 -5.72
CA THR D 5 -31.74 5.27 -5.28
C THR D 5 -32.59 4.25 -6.01
N GLN D 6 -33.75 3.92 -5.45
CA GLN D 6 -34.62 2.91 -6.07
C GLN D 6 -36.06 3.36 -6.17
N SER D 7 -36.76 2.85 -7.17
CA SER D 7 -38.15 3.19 -7.39
C SER D 7 -38.91 2.07 -8.09
N PRO D 8 -40.20 1.93 -7.79
CA PRO D 8 -40.95 2.43 -6.64
C PRO D 8 -40.41 1.81 -5.35
N GLY D 9 -40.48 2.54 -4.25
CA GLY D 9 -40.03 1.97 -2.98
C GLY D 9 -40.88 0.77 -2.58
N THR D 10 -42.16 0.82 -2.95
CA THR D 10 -43.06 -0.29 -2.70
C THR D 10 -43.94 -0.54 -3.92
N LEU D 11 -44.10 -1.81 -4.28
CA LEU D 11 -44.97 -2.21 -5.36
C LEU D 11 -46.01 -3.20 -4.87
N SER D 12 -47.22 -3.17 -5.42
CA SER D 12 -48.22 -4.18 -5.09
C SER D 12 -48.72 -4.87 -6.35
N LEU D 13 -48.41 -6.15 -6.48
CA LEU D 13 -48.78 -6.91 -7.68
C LEU D 13 -49.42 -8.25 -7.33
N SER D 14 -50.30 -8.72 -8.20
CA SER D 14 -50.83 -10.07 -8.07
C SER D 14 -49.80 -11.05 -8.65
N PRO D 15 -49.78 -12.32 -8.21
CA PRO D 15 -49.02 -13.38 -8.82
C PRO D 15 -49.40 -13.54 -10.28
N GLY D 16 -48.41 -13.84 -11.11
CA GLY D 16 -48.59 -14.02 -12.55
C GLY D 16 -48.44 -12.73 -13.34
N GLU D 17 -48.37 -11.59 -12.64
CA GLU D 17 -48.19 -10.30 -13.29
C GLU D 17 -46.73 -9.99 -13.56
N ARG D 18 -46.47 -9.24 -14.62
CA ARG D 18 -45.13 -8.74 -14.91
C ARG D 18 -44.74 -7.67 -13.91
N ALA D 19 -43.48 -7.67 -13.49
CA ALA D 19 -43.02 -6.65 -12.54
C ALA D 19 -41.70 -6.03 -12.99
N THR D 20 -41.56 -4.74 -12.72
CA THR D 20 -40.31 -4.04 -12.99
C THR D 20 -39.82 -3.25 -11.78
N LEU D 21 -38.55 -3.43 -11.47
CA LEU D 21 -37.88 -2.68 -10.42
C LEU D 21 -36.83 -1.80 -11.07
N SER D 22 -36.58 -0.63 -10.50
CA SER D 22 -35.62 0.26 -11.12
C SER D 22 -34.74 0.95 -10.11
N CYS D 23 -33.58 1.43 -10.58
CA CYS D 23 -32.70 2.19 -9.73
C CYS D 23 -31.95 3.25 -10.53
N ARG D 24 -31.48 4.26 -9.83
CA ARG D 24 -30.75 5.34 -10.45
C ARG D 24 -29.52 5.74 -9.64
N ALA D 25 -28.39 5.79 -10.31
CA ALA D 25 -27.15 6.26 -9.70
C ALA D 25 -27.11 7.77 -9.67
N SER D 26 -26.39 8.33 -8.71
CA SER D 26 -26.11 9.76 -8.75
C SER D 26 -25.19 10.10 -9.94
N GLN D 27 -24.43 9.11 -10.41
CA GLN D 27 -23.64 9.24 -11.63
C GLN D 27 -23.45 7.89 -12.31
N SER D 28 -23.36 7.89 -13.64
CA SER D 28 -23.05 6.68 -14.37
C SER D 28 -21.61 6.26 -14.18
N VAL D 29 -21.37 4.95 -14.05
CA VAL D 29 -19.99 4.44 -14.06
C VAL D 29 -19.81 3.29 -15.05
N SER D 30 -20.39 2.13 -14.73
CA SER D 30 -20.32 0.98 -15.62
C SER D 30 -21.34 -0.09 -15.24
N SER D 31 -21.87 -0.77 -16.24
CA SER D 31 -22.77 -1.89 -16.02
C SER D 31 -22.05 -3.10 -15.43
N SER D 32 -20.73 -3.13 -15.60
CA SER D 32 -19.94 -4.28 -15.17
C SER D 32 -19.86 -4.43 -13.66
N TYR D 33 -20.19 -3.38 -12.93
CA TYR D 33 -20.09 -3.42 -11.49
C TYR D 33 -21.44 -3.51 -10.80
N LEU D 34 -22.49 -3.69 -11.58
CA LEU D 34 -23.83 -3.73 -11.01
C LEU D 34 -24.31 -5.14 -10.71
N ALA D 35 -24.90 -5.30 -9.54
CA ALA D 35 -25.53 -6.57 -9.19
C ALA D 35 -26.82 -6.35 -8.41
N TRP D 36 -27.74 -7.30 -8.55
CA TRP D 36 -29.00 -7.26 -7.82
C TRP D 36 -29.14 -8.44 -6.88
N TYR D 37 -29.69 -8.17 -5.70
CA TYR D 37 -29.88 -9.20 -4.69
C TYR D 37 -31.32 -9.28 -4.21
N GLN D 38 -31.75 -10.48 -3.85
CA GLN D 38 -33.08 -10.74 -3.30
C GLN D 38 -32.98 -11.08 -1.83
N GLN D 39 -33.89 -10.55 -1.02
CA GLN D 39 -33.92 -10.92 0.40
C GLN D 39 -35.30 -11.25 0.91
N LYS D 40 -35.38 -12.30 1.71
CA LYS D 40 -36.60 -12.67 2.40
C LYS D 40 -36.35 -12.47 3.90
N PRO D 41 -37.36 -12.15 4.71
CA PRO D 41 -37.22 -11.99 6.14
C PRO D 41 -36.61 -13.22 6.76
N GLY D 42 -35.67 -13.01 7.66
CA GLY D 42 -35.00 -14.10 8.36
C GLY D 42 -33.88 -14.74 7.54
N GLN D 43 -33.62 -14.21 6.33
CA GLN D 43 -32.62 -14.80 5.46
C GLN D 43 -31.60 -13.81 4.94
N ALA D 44 -30.40 -14.32 4.64
CA ALA D 44 -29.37 -13.53 4.00
C ALA D 44 -29.78 -13.18 2.57
N PRO D 45 -29.34 -12.04 2.02
CA PRO D 45 -29.50 -11.66 0.63
C PRO D 45 -28.91 -12.70 -0.31
N ARG D 46 -29.53 -12.85 -1.48
CA ARG D 46 -29.08 -13.82 -2.48
C ARG D 46 -28.90 -13.16 -3.83
N LEU D 47 -27.82 -13.48 -4.53
CA LEU D 47 -27.53 -12.87 -5.82
C LEU D 47 -28.46 -13.38 -6.91
N LEU D 48 -29.09 -12.46 -7.64
CA LEU D 48 -29.90 -12.82 -8.80
C LEU D 48 -29.21 -12.47 -10.11
N ILE D 49 -28.76 -11.22 -10.21
CA ILE D 49 -28.15 -10.70 -11.43
C ILE D 49 -26.81 -10.05 -11.16
N TYR D 50 -25.84 -10.31 -12.02
CA TYR D 50 -24.56 -9.64 -11.94
C TYR D 50 -24.12 -9.19 -13.34
N GLY D 51 -23.28 -8.17 -13.41
CA GLY D 51 -22.84 -7.67 -14.71
C GLY D 51 -23.98 -6.89 -15.36
N ALA D 52 -24.97 -6.56 -14.55
CA ALA D 52 -26.23 -5.93 -14.93
C ALA D 52 -27.06 -6.77 -15.90
N SER D 53 -26.66 -8.01 -16.17
CA SER D 53 -27.48 -8.84 -17.05
C SER D 53 -27.32 -10.35 -16.86
N SER D 54 -26.18 -10.79 -16.35
CA SER D 54 -25.93 -12.22 -16.28
C SER D 54 -26.66 -12.86 -15.12
N ARG D 55 -27.24 -14.03 -15.37
CA ARG D 55 -27.94 -14.75 -14.32
C ARG D 55 -26.99 -15.49 -13.40
N ALA D 56 -27.25 -15.42 -12.10
CA ALA D 56 -26.53 -16.23 -11.14
C ALA D 56 -26.93 -17.68 -11.34
N THR D 57 -26.05 -18.60 -10.97
CA THR D 57 -26.34 -20.01 -11.15
C THR D 57 -27.63 -20.39 -10.41
N GLY D 58 -28.51 -21.09 -11.10
CA GLY D 58 -29.77 -21.57 -10.53
C GLY D 58 -30.93 -20.58 -10.67
N ILE D 59 -30.67 -19.40 -11.22
CA ILE D 59 -31.72 -18.40 -11.40
C ILE D 59 -32.63 -18.72 -12.60
N PRO D 60 -33.96 -18.74 -12.42
CA PRO D 60 -34.97 -18.92 -13.44
C PRO D 60 -34.90 -17.90 -14.55
N ASP D 61 -35.29 -18.32 -15.76
CA ASP D 61 -35.21 -17.51 -16.96
C ASP D 61 -36.07 -16.25 -16.92
N ARG D 62 -37.10 -16.26 -16.08
CA ARG D 62 -37.98 -15.09 -15.99
C ARG D 62 -37.26 -13.85 -15.46
N PHE D 63 -36.14 -14.05 -14.78
CA PHE D 63 -35.37 -12.92 -14.25
C PHE D 63 -34.37 -12.41 -15.26
N SER D 64 -34.31 -11.10 -15.44
CA SER D 64 -33.28 -10.50 -16.28
C SER D 64 -32.98 -9.07 -15.89
N GLY D 65 -31.70 -8.69 -15.96
CA GLY D 65 -31.30 -7.32 -15.75
C GLY D 65 -31.42 -6.53 -17.04
N SER D 66 -31.47 -5.20 -16.92
CA SER D 66 -31.49 -4.34 -18.10
C SER D 66 -31.10 -2.91 -17.76
N GLY D 67 -31.13 -2.06 -18.78
CA GLY D 67 -30.79 -0.65 -18.65
C GLY D 67 -29.31 -0.39 -18.85
N SER D 68 -28.92 0.87 -18.75
CA SER D 68 -27.55 1.27 -19.04
C SER D 68 -27.22 2.61 -18.42
N GLY D 69 -25.94 2.93 -18.36
CA GLY D 69 -25.52 4.25 -17.89
C GLY D 69 -25.99 4.48 -16.47
N THR D 70 -26.65 5.61 -16.25
CA THR D 70 -27.13 5.96 -14.92
C THR D 70 -28.29 5.09 -14.44
N ASP D 71 -29.16 4.69 -15.37
CA ASP D 71 -30.42 4.01 -15.04
C ASP D 71 -30.44 2.53 -15.36
N PHE D 72 -30.60 1.70 -14.32
CA PHE D 72 -30.67 0.26 -14.50
C PHE D 72 -31.95 -0.33 -13.94
N THR D 73 -32.39 -1.44 -14.52
CA THR D 73 -33.61 -2.08 -14.06
C THR D 73 -33.45 -3.58 -13.85
N LEU D 74 -34.38 -4.15 -13.08
CA LEU D 74 -34.51 -5.58 -12.92
C LEU D 74 -35.94 -5.97 -13.22
N THR D 75 -36.13 -6.96 -14.09
CA THR D 75 -37.49 -7.32 -14.46
C THR D 75 -37.79 -8.78 -14.21
N ILE D 76 -39.06 -9.05 -13.95
CA ILE D 76 -39.58 -10.40 -13.83
C ILE D 76 -40.72 -10.57 -14.82
N SER D 77 -40.60 -11.54 -15.73
CA SER D 77 -41.61 -11.69 -16.77
C SER D 77 -43.00 -11.98 -16.20
N ARG D 78 -43.06 -12.84 -15.18
CA ARG D 78 -44.30 -13.09 -14.44
C ARG D 78 -43.96 -13.42 -12.99
N LEU D 79 -44.70 -12.87 -12.05
CA LEU D 79 -44.42 -13.16 -10.64
C LEU D 79 -44.87 -14.54 -10.19
N GLU D 80 -44.00 -15.20 -9.43
CA GLU D 80 -44.33 -16.41 -8.70
C GLU D 80 -44.37 -16.06 -7.21
N PRO D 81 -45.06 -16.83 -6.35
CA PRO D 81 -45.11 -16.63 -4.91
C PRO D 81 -43.72 -16.48 -4.30
N GLU D 82 -42.74 -17.16 -4.89
CA GLU D 82 -41.35 -17.10 -4.44
C GLU D 82 -40.71 -15.74 -4.68
N ASP D 83 -41.27 -14.97 -5.61
CA ASP D 83 -40.66 -13.74 -6.07
C ASP D 83 -41.05 -12.53 -5.22
N PHE D 84 -41.91 -12.72 -4.23
CA PHE D 84 -42.28 -11.57 -3.41
C PHE D 84 -41.26 -11.41 -2.30
N ALA D 85 -40.47 -10.36 -2.44
CA ALA D 85 -39.27 -10.18 -1.63
C ALA D 85 -38.80 -8.74 -1.67
N VAL D 86 -37.83 -8.42 -0.81
CA VAL D 86 -37.17 -7.13 -0.84
C VAL D 86 -35.93 -7.22 -1.74
N TYR D 87 -35.77 -6.26 -2.64
CA TYR D 87 -34.64 -6.32 -3.56
C TYR D 87 -33.71 -5.13 -3.39
N TYR D 88 -32.41 -5.37 -3.61
CA TYR D 88 -31.39 -4.34 -3.52
C TYR D 88 -30.45 -4.34 -4.70
N CYS D 89 -29.95 -3.17 -5.05
CA CYS D 89 -28.89 -3.04 -6.04
C CYS D 89 -27.60 -2.63 -5.37
N GLN D 90 -26.46 -3.06 -5.94
CA GLN D 90 -25.16 -2.66 -5.41
C GLN D 90 -24.19 -2.28 -6.52
N HIS D 91 -23.36 -1.26 -6.27
CA HIS D 91 -22.34 -0.82 -7.22
C HIS D 91 -20.91 -0.97 -6.71
N TYR D 92 -20.19 -1.97 -7.23
CA TYR D 92 -18.83 -2.27 -6.77
C TYR D 92 -17.82 -1.16 -7.09
N GLY D 93 -17.96 -0.58 -8.27
CA GLY D 93 -17.07 0.48 -8.75
C GLY D 93 -15.60 0.06 -8.80
N SER D 94 -14.73 1.02 -8.52
CA SER D 94 -13.28 0.87 -8.48
C SER D 94 -12.84 0.70 -7.04
N SER D 95 -13.81 0.32 -6.22
CA SER D 95 -13.78 0.29 -4.78
C SER D 95 -13.92 1.70 -4.24
N ARG D 96 -13.84 1.84 -2.92
CA ARG D 96 -14.23 3.07 -2.25
C ARG D 96 -15.67 3.43 -2.65
N GLY D 97 -16.47 2.39 -2.87
CA GLY D 97 -17.84 2.46 -3.31
C GLY D 97 -18.65 1.37 -2.63
N TRP D 98 -19.15 0.43 -3.42
CA TRP D 98 -19.90 -0.73 -2.94
C TRP D 98 -21.16 -0.31 -2.19
N THR D 99 -21.73 0.82 -2.57
CA THR D 99 -22.91 1.30 -1.87
C THR D 99 -24.14 0.53 -2.29
N PHE D 100 -25.16 0.56 -1.43
CA PHE D 100 -26.43 -0.09 -1.70
C PHE D 100 -27.53 0.94 -1.89
N GLY D 101 -28.55 0.57 -2.65
CA GLY D 101 -29.71 1.44 -2.81
C GLY D 101 -30.61 1.35 -1.60
N GLN D 102 -31.66 2.16 -1.59
CA GLN D 102 -32.59 2.24 -0.46
C GLN D 102 -33.42 0.97 -0.28
N GLY D 103 -33.48 0.16 -1.33
CA GLY D 103 -34.25 -1.08 -1.32
C GLY D 103 -35.63 -0.86 -1.90
N THR D 104 -36.22 -1.94 -2.37
CA THR D 104 -37.59 -1.91 -2.89
C THR D 104 -38.30 -3.18 -2.48
N LYS D 105 -39.62 -3.11 -2.29
CA LYS D 105 -40.35 -4.29 -1.89
C LYS D 105 -41.54 -4.57 -2.79
N VAL D 106 -41.76 -5.85 -3.08
CA VAL D 106 -42.93 -6.26 -3.83
C VAL D 106 -43.92 -6.99 -2.93
N GLU D 107 -45.11 -6.43 -2.80
CA GLU D 107 -46.18 -6.98 -1.98
C GLU D 107 -47.18 -7.76 -2.81
N ILE D 108 -47.83 -8.73 -2.18
CA ILE D 108 -48.87 -9.50 -2.85
C ILE D 108 -50.19 -8.73 -2.85
N LYS D 109 -50.77 -8.57 -4.04
CA LYS D 109 -52.05 -7.89 -4.17
C LYS D 109 -53.14 -8.89 -4.57
N GLN E 1 -20.28 -28.00 -2.51
CA GLN E 1 -21.14 -26.85 -2.26
C GLN E 1 -20.45 -25.82 -1.37
N MET E 2 -20.31 -24.61 -1.87
CA MET E 2 -19.74 -23.52 -1.09
C MET E 2 -20.68 -23.05 0.01
N GLN E 3 -20.10 -22.77 1.16
CA GLN E 3 -20.84 -22.17 2.26
C GLN E 3 -19.95 -21.24 3.05
N LEU E 4 -20.56 -20.24 3.67
CA LEU E 4 -19.85 -19.41 4.64
C LEU E 4 -20.50 -19.59 5.99
N VAL E 5 -19.68 -19.74 7.03
CA VAL E 5 -20.22 -19.93 8.37
C VAL E 5 -19.74 -18.83 9.31
N GLN E 6 -20.68 -18.12 9.89
CA GLN E 6 -20.33 -17.01 10.77
C GLN E 6 -20.45 -17.37 12.23
N SER E 7 -19.71 -16.66 13.06
CA SER E 7 -19.78 -16.83 14.51
C SER E 7 -21.15 -16.43 15.03
N GLY E 8 -21.54 -16.99 16.17
CA GLY E 8 -22.88 -16.78 16.69
C GLY E 8 -23.06 -15.43 17.35
N PRO E 9 -24.27 -15.12 17.84
CA PRO E 9 -24.70 -13.86 18.41
C PRO E 9 -23.92 -13.44 19.63
N GLU E 10 -23.75 -12.14 19.81
CA GLU E 10 -23.09 -11.62 21.00
C GLU E 10 -23.67 -10.27 21.42
N VAL E 11 -23.72 -10.02 22.72
CA VAL E 11 -24.23 -8.78 23.26
C VAL E 11 -23.12 -7.97 23.92
N LYS E 12 -23.02 -6.69 23.55
CA LYS E 12 -21.97 -5.82 24.04
C LYS E 12 -22.49 -4.56 24.69
N LYS E 13 -21.68 -3.97 25.56
CA LYS E 13 -21.97 -2.67 26.13
C LYS E 13 -21.48 -1.57 25.17
N PRO E 14 -22.09 -0.38 25.17
CA PRO E 14 -21.62 0.79 24.46
C PRO E 14 -20.21 1.14 24.88
N GLY E 15 -19.41 1.61 23.92
CA GLY E 15 -18.04 2.01 24.18
C GLY E 15 -17.05 0.84 24.12
N THR E 16 -17.56 -0.36 23.88
CA THR E 16 -16.72 -1.55 23.80
C THR E 16 -16.58 -1.98 22.35
N SER E 17 -15.83 -3.06 22.12
CA SER E 17 -15.60 -3.55 20.75
C SER E 17 -16.15 -4.96 20.56
N VAL E 18 -16.51 -5.28 19.31
CA VAL E 18 -17.04 -6.61 18.96
C VAL E 18 -16.27 -7.19 17.78
N LYS E 19 -16.05 -8.50 17.83
CA LYS E 19 -15.39 -9.20 16.74
C LYS E 19 -16.29 -10.27 16.14
N VAL E 20 -16.34 -10.32 14.82
CA VAL E 20 -17.15 -11.31 14.11
C VAL E 20 -16.30 -12.12 13.14
N SER E 21 -16.47 -13.45 13.17
CA SER E 21 -15.69 -14.33 12.29
C SER E 21 -16.55 -14.90 11.16
N CYS E 22 -15.93 -15.16 10.01
CA CYS E 22 -16.58 -15.80 8.88
C CYS E 22 -15.69 -16.85 8.23
N LYS E 23 -16.02 -18.13 8.43
CA LYS E 23 -15.17 -19.21 7.94
C LYS E 23 -15.55 -19.70 6.55
N ALA E 24 -14.54 -19.79 5.69
CA ALA E 24 -14.67 -20.28 4.33
C ALA E 24 -14.77 -21.81 4.26
N SER E 25 -15.53 -22.31 3.30
CA SER E 25 -15.53 -23.72 2.97
C SER E 25 -16.04 -23.99 1.56
N GLY E 26 -15.47 -25.01 0.90
CA GLY E 26 -15.98 -25.49 -0.39
C GLY E 26 -15.46 -24.75 -1.64
N PHE E 27 -14.54 -23.80 -1.46
CA PHE E 27 -14.03 -23.03 -2.59
C PHE E 27 -12.60 -22.56 -2.33
N THR E 28 -11.91 -22.06 -3.35
CA THR E 28 -10.57 -21.55 -3.12
C THR E 28 -10.61 -20.20 -2.43
N PHE E 29 -10.09 -20.17 -1.21
CA PHE E 29 -10.12 -18.96 -0.40
C PHE E 29 -9.19 -17.88 -0.91
N MET E 30 -8.00 -18.28 -1.36
CA MET E 30 -6.96 -17.33 -1.72
C MET E 30 -7.30 -16.45 -2.92
N SER E 31 -8.11 -16.97 -3.83
CA SER E 31 -8.49 -16.20 -5.01
C SER E 31 -9.68 -15.29 -4.74
N SER E 32 -10.33 -15.49 -3.61
CA SER E 32 -11.55 -14.79 -3.27
C SER E 32 -11.32 -13.46 -2.55
N ALA E 33 -12.41 -12.73 -2.40
CA ALA E 33 -12.43 -11.52 -1.58
C ALA E 33 -13.68 -11.56 -0.72
N VAL E 34 -13.61 -10.97 0.46
CA VAL E 34 -14.74 -11.03 1.37
C VAL E 34 -15.31 -9.65 1.67
N GLN E 35 -16.61 -9.52 1.53
CA GLN E 35 -17.31 -8.27 1.79
C GLN E 35 -18.08 -8.33 3.09
N TRP E 36 -18.09 -7.23 3.83
CA TRP E 36 -18.89 -7.15 5.04
C TRP E 36 -20.00 -6.11 4.91
N VAL E 37 -21.22 -6.53 5.25
CA VAL E 37 -22.43 -5.74 5.15
C VAL E 37 -23.25 -5.89 6.42
N ARG E 38 -23.89 -4.83 6.90
CA ARG E 38 -24.77 -4.99 8.06
C ARG E 38 -26.16 -4.49 7.78
N GLN E 39 -27.13 -5.06 8.48
CA GLN E 39 -28.50 -4.64 8.32
C GLN E 39 -29.27 -4.60 9.64
N ALA E 40 -29.73 -3.42 10.02
CA ALA E 40 -30.62 -3.29 11.16
C ALA E 40 -31.99 -3.81 10.75
N ARG E 41 -32.76 -4.35 11.68
CA ARG E 41 -34.04 -4.91 11.28
C ARG E 41 -34.93 -3.83 10.69
N GLY E 42 -35.52 -4.14 9.53
CA GLY E 42 -36.43 -3.23 8.85
C GLY E 42 -35.70 -2.17 8.02
N GLN E 43 -34.37 -2.22 8.02
CA GLN E 43 -33.57 -1.21 7.34
C GLN E 43 -32.85 -1.76 6.11
N ARG E 44 -32.40 -0.85 5.26
CA ARG E 44 -31.65 -1.17 4.07
C ARG E 44 -30.25 -1.69 4.38
N LEU E 45 -29.68 -2.45 3.46
CA LEU E 45 -28.32 -2.98 3.63
C LEU E 45 -27.31 -1.85 3.68
N GLU E 46 -26.34 -1.94 4.58
CA GLU E 46 -25.26 -0.96 4.64
C GLU E 46 -23.89 -1.61 4.52
N TRP E 47 -23.12 -1.17 3.53
CA TRP E 47 -21.78 -1.69 3.34
C TRP E 47 -20.83 -1.19 4.42
N ILE E 48 -20.01 -2.09 4.96
CA ILE E 48 -19.02 -1.67 5.94
C ILE E 48 -17.63 -1.55 5.36
N GLY E 49 -17.21 -2.60 4.68
CA GLY E 49 -15.85 -2.68 4.18
C GLY E 49 -15.62 -4.01 3.47
N TRP E 50 -14.45 -4.19 2.88
CA TRP E 50 -14.15 -5.45 2.23
C TRP E 50 -12.66 -5.75 2.27
N ILE E 51 -12.30 -7.02 2.10
CA ILE E 51 -10.91 -7.44 2.05
C ILE E 51 -10.59 -8.37 0.91
N VAL E 52 -9.45 -8.15 0.27
CA VAL E 52 -8.95 -9.09 -0.72
C VAL E 52 -8.08 -10.12 -0.02
N ILE E 53 -8.44 -11.40 -0.12
CA ILE E 53 -7.74 -12.38 0.68
C ILE E 53 -6.29 -12.57 0.28
N GLY E 54 -6.02 -12.53 -1.01
CA GLY E 54 -4.65 -12.76 -1.44
C GLY E 54 -3.69 -11.69 -0.95
N SER E 55 -4.13 -10.43 -0.97
CA SER E 55 -3.22 -9.33 -0.62
C SER E 55 -3.41 -8.83 0.81
N GLY E 56 -4.59 -9.04 1.37
CA GLY E 56 -4.91 -8.50 2.67
C GLY E 56 -5.35 -7.04 2.57
N ASN E 57 -5.44 -6.50 1.35
CA ASN E 57 -5.82 -5.11 1.14
C ASN E 57 -7.28 -4.87 1.52
N THR E 58 -7.55 -3.74 2.17
CA THR E 58 -8.91 -3.41 2.56
C THR E 58 -9.33 -2.00 2.18
N ASN E 59 -10.63 -1.80 2.12
CA ASN E 59 -11.21 -0.46 2.01
C ASN E 59 -12.44 -0.38 2.91
N TYR E 60 -12.76 0.83 3.35
CA TYR E 60 -13.88 1.03 4.27
C TYR E 60 -14.76 2.18 3.83
N ALA E 61 -16.04 2.12 4.19
CA ALA E 61 -16.92 3.25 4.01
C ALA E 61 -16.46 4.38 4.91
N GLN E 62 -16.69 5.62 4.49
CA GLN E 62 -16.23 6.74 5.31
C GLN E 62 -16.87 6.74 6.69
N LYS E 63 -18.08 6.21 6.79
CA LYS E 63 -18.79 6.15 8.07
C LYS E 63 -18.07 5.29 9.10
N PHE E 64 -17.31 4.31 8.65
CA PHE E 64 -16.62 3.39 9.54
C PHE E 64 -15.12 3.63 9.56
N GLN E 65 -14.68 4.75 9.01
CA GLN E 65 -13.25 4.99 8.93
C GLN E 65 -12.65 5.02 10.33
N GLU E 66 -11.64 4.19 10.53
CA GLU E 66 -10.94 3.98 11.81
C GLU E 66 -11.84 3.46 12.94
N ARG E 67 -13.04 3.00 12.62
CA ARG E 67 -13.86 2.30 13.62
C ARG E 67 -13.87 0.81 13.34
N VAL E 68 -13.60 0.46 12.09
CA VAL E 68 -13.61 -0.93 11.65
C VAL E 68 -12.29 -1.38 11.07
N THR E 69 -11.86 -2.56 11.50
CA THR E 69 -10.68 -3.17 10.91
C THR E 69 -11.04 -4.56 10.40
N ILE E 70 -10.65 -4.87 9.17
CA ILE E 70 -10.91 -6.18 8.60
C ILE E 70 -9.61 -6.92 8.35
N THR E 71 -9.51 -8.14 8.86
CA THR E 71 -8.32 -8.95 8.72
C THR E 71 -8.68 -10.36 8.26
N ARG E 72 -7.68 -11.12 7.86
CA ARG E 72 -7.92 -12.51 7.50
C ARG E 72 -6.74 -13.40 7.89
N ASP E 73 -7.02 -14.67 8.15
CA ASP E 73 -5.97 -15.64 8.36
C ASP E 73 -6.23 -16.86 7.49
N MET E 74 -5.47 -16.97 6.42
CA MET E 74 -5.65 -18.01 5.42
C MET E 74 -5.42 -19.41 5.97
N SER E 75 -4.63 -19.54 7.03
CA SER E 75 -4.36 -20.86 7.59
C SER E 75 -5.58 -21.40 8.33
N THR E 76 -6.49 -20.50 8.68
CA THR E 76 -7.74 -20.85 9.34
C THR E 76 -8.88 -20.75 8.35
N SER E 77 -8.54 -20.32 7.13
CA SER E 77 -9.50 -20.07 6.07
C SER E 77 -10.66 -19.21 6.55
N THR E 78 -10.34 -18.20 7.36
CA THR E 78 -11.38 -17.38 7.98
C THR E 78 -11.13 -15.89 7.85
N ALA E 79 -12.19 -15.16 7.52
CA ALA E 79 -12.18 -13.70 7.54
C ALA E 79 -12.58 -13.20 8.92
N TYR E 80 -12.02 -12.09 9.35
CA TYR E 80 -12.39 -11.51 10.63
C TYR E 80 -12.71 -10.03 10.51
N MET E 81 -13.67 -9.55 11.29
CA MET E 81 -13.92 -8.12 11.35
C MET E 81 -14.09 -7.64 12.78
N GLU E 82 -13.55 -6.46 13.08
CA GLU E 82 -13.74 -5.85 14.38
C GLU E 82 -14.36 -4.47 14.25
N LEU E 83 -15.30 -4.17 15.15
CA LEU E 83 -15.92 -2.84 15.23
C LEU E 83 -15.75 -2.25 16.62
N SER E 84 -15.20 -1.04 16.69
CA SER E 84 -14.94 -0.36 17.96
C SER E 84 -15.85 0.82 18.21
N SER E 85 -15.86 1.27 19.47
CA SER E 85 -16.67 2.40 19.92
C SER E 85 -18.14 2.18 19.65
N LEU E 86 -18.63 1.03 20.11
CA LEU E 86 -20.01 0.63 19.85
C LEU E 86 -21.04 1.57 20.44
N ARG E 87 -22.10 1.77 19.68
CA ARG E 87 -23.23 2.61 20.05
C ARG E 87 -24.52 1.80 19.91
N SER E 88 -25.59 2.23 20.57
CA SER E 88 -26.84 1.47 20.47
C SER E 88 -27.35 1.41 19.03
N GLU E 89 -26.98 2.41 18.23
CA GLU E 89 -27.35 2.47 16.82
C GLU E 89 -26.65 1.40 15.98
N ASP E 90 -25.62 0.77 16.54
CA ASP E 90 -24.86 -0.25 15.83
C ASP E 90 -25.52 -1.62 15.91
N THR E 91 -26.63 -1.73 16.64
CA THR E 91 -27.33 -2.99 16.70
C THR E 91 -27.79 -3.39 15.31
N ALA E 92 -27.38 -4.56 14.86
CA ALA E 92 -27.68 -5.02 13.51
C ALA E 92 -27.31 -6.47 13.31
N VAL E 93 -27.79 -7.05 12.22
CA VAL E 93 -27.27 -8.34 11.79
C VAL E 93 -26.11 -8.12 10.83
N TYR E 94 -24.96 -8.71 11.13
CA TYR E 94 -23.77 -8.52 10.31
C TYR E 94 -23.55 -9.73 9.41
N TYR E 95 -23.24 -9.48 8.15
CA TYR E 95 -23.05 -10.55 7.17
C TYR E 95 -21.69 -10.49 6.50
N CYS E 96 -21.16 -11.66 6.20
CA CYS E 96 -20.01 -11.76 5.30
C CYS E 96 -20.49 -12.34 3.97
N ALA E 97 -19.79 -12.00 2.89
CA ALA E 97 -20.12 -12.57 1.60
C ALA E 97 -18.89 -12.69 0.72
N ALA E 98 -18.92 -13.65 -0.20
CA ALA E 98 -17.81 -13.87 -1.11
C ALA E 98 -18.30 -14.53 -2.40
N PRO E 99 -17.63 -14.31 -3.53
CA PRO E 99 -17.83 -15.00 -4.79
C PRO E 99 -17.31 -16.43 -4.70
N TYR E 100 -17.96 -17.34 -5.41
CA TYR E 100 -17.39 -18.67 -5.57
C TYR E 100 -16.12 -18.61 -6.39
N CYS E 101 -15.09 -19.32 -5.93
CA CYS E 101 -13.86 -19.40 -6.69
C CYS E 101 -13.42 -20.82 -6.96
N SER E 102 -13.24 -21.11 -8.23
CA SER E 102 -12.66 -22.35 -8.70
C SER E 102 -11.16 -22.17 -8.71
N SER E 103 -10.42 -23.23 -9.00
CA SER E 103 -8.98 -23.11 -9.12
C SER E 103 -8.58 -22.23 -10.32
N ILE E 104 -9.52 -22.00 -11.24
CA ILE E 104 -9.24 -21.24 -12.46
C ILE E 104 -9.76 -19.79 -12.38
N SER E 105 -11.00 -19.62 -11.94
CA SER E 105 -11.62 -18.30 -11.97
C SER E 105 -12.70 -18.11 -10.90
N CYS E 106 -13.00 -16.85 -10.59
CA CYS E 106 -14.02 -16.51 -9.59
C CYS E 106 -15.28 -15.92 -10.20
N ASN E 107 -16.39 -16.03 -9.48
CA ASN E 107 -17.63 -15.41 -9.91
C ASN E 107 -17.51 -13.90 -9.84
N ASP E 108 -18.34 -13.21 -10.62
CA ASP E 108 -18.30 -11.76 -10.73
C ASP E 108 -19.33 -11.04 -9.86
N GLY E 109 -19.86 -11.74 -8.86
CA GLY E 109 -20.77 -11.12 -7.89
C GLY E 109 -20.77 -11.93 -6.60
N PHE E 110 -21.44 -11.42 -5.57
CA PHE E 110 -21.37 -12.11 -4.29
C PHE E 110 -22.46 -13.15 -4.17
N ASP E 111 -22.23 -14.29 -4.82
CA ASP E 111 -23.25 -15.33 -4.88
C ASP E 111 -23.49 -16.06 -3.57
N ILE E 112 -22.51 -16.05 -2.66
CA ILE E 112 -22.68 -16.72 -1.38
C ILE E 112 -22.58 -15.79 -0.18
N TRP E 113 -23.58 -15.87 0.68
CA TRP E 113 -23.63 -15.11 1.92
C TRP E 113 -23.69 -16.03 3.12
N GLY E 114 -23.15 -15.58 4.25
CA GLY E 114 -23.23 -16.36 5.47
C GLY E 114 -24.61 -16.23 6.10
N GLN E 115 -24.87 -17.00 7.16
CA GLN E 115 -26.18 -17.00 7.80
C GLN E 115 -26.45 -15.69 8.55
N GLY E 116 -25.38 -14.95 8.84
CA GLY E 116 -25.46 -13.68 9.55
C GLY E 116 -25.17 -13.82 11.04
N THR E 117 -24.68 -12.74 11.64
CA THR E 117 -24.39 -12.70 13.07
C THR E 117 -25.14 -11.55 13.73
N MET E 118 -25.91 -11.86 14.76
CA MET E 118 -26.62 -10.78 15.45
C MET E 118 -25.72 -10.11 16.47
N VAL E 119 -25.63 -8.80 16.40
CA VAL E 119 -24.88 -8.04 17.38
C VAL E 119 -25.77 -7.01 18.03
N THR E 120 -25.85 -7.05 19.34
CA THR E 120 -26.68 -6.10 20.07
C THR E 120 -25.86 -5.24 21.00
N VAL E 121 -26.13 -3.94 20.99
CA VAL E 121 -25.43 -3.03 21.88
C VAL E 121 -26.40 -2.37 22.83
N SER E 122 -26.17 -2.53 24.13
CA SER E 122 -27.08 -2.03 25.15
C SER E 122 -26.44 -1.99 26.53
#